data_6E06
#
_entry.id   6E06
#
_cell.length_a   56.680
_cell.length_b   105.700
_cell.length_c   153.260
_cell.angle_alpha   90.000
_cell.angle_beta   90.000
_cell.angle_gamma   90.000
#
_symmetry.space_group_name_H-M   'P 21 21 21'
#
loop_
_entity.id
_entity.type
_entity.pdbx_description
1 polymer 'ATP-dependent dethiobiotin synthetase BioD'
2 non-polymer "CYTIDINE-5'-TRIPHOSPHATE"
3 non-polymer 'MAGNESIUM ION'
4 water water
#
_entity_poly.entity_id   1
_entity_poly.type   'polypeptide(L)'
_entity_poly.pdbx_seq_one_letter_code
;MGHHHHHHGGTILVVTGTGTGVGKTVVCAALASAARQAGIDVAVCKPVQTGTARGDDDLAEVGRLAGVTQLAGLARYPQP
MAPAAAAEHAGMALPARDQIVRLIADLDRPGRLTLVEGAGGLLVELAEPGVTLRDVAVDVAAAALVVVTADLGTLNHTKL
TLEALAAQQVSCAGLVIGSWPDPPGLVAASNRSALARIAMVRAALPAGAASLDAGDFAAMSAAAFDRNWVAGLVG
;
_entity_poly.pdbx_strand_id   A,B,C,D
#
loop_
_chem_comp.id
_chem_comp.type
_chem_comp.name
_chem_comp.formula
CTP non-polymer CYTIDINE-5'-TRIPHOSPHATE 'C9 H16 N3 O14 P3'
MG non-polymer 'MAGNESIUM ION' 'Mg 2'
#
# COMPACT_ATOMS: atom_id res chain seq x y z
N GLY A 9 -15.23 -2.93 -17.96
CA GLY A 9 -14.21 -3.84 -18.45
C GLY A 9 -13.98 -5.11 -17.63
N GLY A 10 -12.76 -5.63 -17.71
CA GLY A 10 -12.38 -6.78 -16.90
C GLY A 10 -11.27 -6.44 -15.94
N THR A 11 -10.30 -7.34 -15.74
CA THR A 11 -9.14 -6.98 -14.96
C THR A 11 -7.93 -6.99 -15.87
N ILE A 12 -7.16 -5.92 -15.80
CA ILE A 12 -5.90 -5.82 -16.52
C ILE A 12 -4.79 -5.85 -15.49
N LEU A 13 -3.85 -6.76 -15.67
CA LEU A 13 -2.60 -6.73 -14.94
C LEU A 13 -1.47 -6.51 -15.91
N VAL A 14 -0.69 -5.51 -15.66
CA VAL A 14 0.63 -5.52 -16.26
C VAL A 14 1.54 -6.44 -15.46
N VAL A 15 2.31 -7.23 -16.17
CA VAL A 15 3.25 -8.15 -15.58
C VAL A 15 4.61 -7.57 -15.91
N THR A 16 5.20 -6.87 -14.95
CA THR A 16 6.46 -6.18 -15.10
C THR A 16 7.55 -6.94 -14.36
N GLY A 17 8.75 -6.37 -14.32
CA GLY A 17 9.84 -7.04 -13.62
C GLY A 17 10.93 -6.10 -13.17
N THR A 18 11.77 -6.62 -12.25
CA THR A 18 12.93 -5.89 -11.76
C THR A 18 14.03 -5.78 -12.79
N GLY A 19 13.91 -6.49 -13.90
CA GLY A 19 14.85 -6.30 -15.00
C GLY A 19 14.48 -7.21 -16.15
N THR A 20 15.39 -7.33 -17.09
CA THR A 20 15.14 -8.24 -18.18
C THR A 20 15.63 -9.64 -17.85
N GLY A 21 14.88 -10.64 -18.30
CA GLY A 21 15.29 -12.00 -18.05
C GLY A 21 14.86 -12.55 -16.70
N VAL A 22 13.90 -11.92 -16.03
CA VAL A 22 13.58 -12.33 -14.67
C VAL A 22 12.46 -13.35 -14.64
N GLY A 23 11.86 -13.66 -15.79
CA GLY A 23 10.81 -14.65 -15.86
C GLY A 23 9.44 -14.12 -16.12
N LYS A 24 9.31 -12.93 -16.70
CA LYS A 24 7.99 -12.34 -16.93
C LYS A 24 7.12 -13.21 -17.81
N THR A 25 7.67 -13.70 -18.92
CA THR A 25 6.90 -14.51 -19.86
C THR A 25 6.36 -15.78 -19.19
N VAL A 26 7.21 -16.48 -18.45
CA VAL A 26 6.80 -17.70 -17.76
C VAL A 26 5.76 -17.43 -16.69
N VAL A 27 5.81 -16.25 -16.04
CA VAL A 27 4.79 -15.91 -15.04
C VAL A 27 3.45 -15.64 -15.73
N CYS A 28 3.48 -14.88 -16.83
CA CYS A 28 2.28 -14.68 -17.61
C CYS A 28 1.62 -16.01 -17.93
N ALA A 29 2.41 -16.97 -18.41
CA ALA A 29 1.87 -18.29 -18.76
C ALA A 29 1.34 -19.03 -17.53
N ALA A 30 2.09 -18.99 -16.42
CA ALA A 30 1.69 -19.73 -15.23
C ALA A 30 0.42 -19.16 -14.60
N LEU A 31 0.32 -17.84 -14.51
CA LEU A 31 -0.87 -17.24 -13.95
C LEU A 31 -2.04 -17.43 -14.90
N ALA A 32 -1.77 -17.32 -16.20
CA ALA A 32 -2.79 -17.60 -17.18
C ALA A 32 -3.30 -19.02 -17.03
N SER A 33 -2.39 -19.99 -16.88
CA SER A 33 -2.79 -21.38 -16.70
C SER A 33 -3.62 -21.56 -15.44
N ALA A 34 -3.20 -20.96 -14.32
CA ALA A 34 -3.96 -21.15 -13.08
C ALA A 34 -5.34 -20.50 -13.20
N ALA A 35 -5.43 -19.33 -13.84
CA ALA A 35 -6.72 -18.66 -13.96
C ALA A 35 -7.62 -19.42 -14.92
N ARG A 36 -7.03 -19.98 -15.98
CA ARG A 36 -7.81 -20.81 -16.88
C ARG A 36 -8.37 -22.02 -16.13
N GLN A 37 -7.53 -22.68 -15.32
CA GLN A 37 -8.03 -23.84 -14.59
C GLN A 37 -9.06 -23.46 -13.55
N ALA A 38 -9.12 -22.18 -13.19
CA ALA A 38 -10.19 -21.67 -12.35
C ALA A 38 -11.42 -21.27 -13.14
N GLY A 39 -11.42 -21.52 -14.45
CA GLY A 39 -12.52 -21.17 -15.32
C GLY A 39 -12.52 -19.73 -15.78
N ILE A 40 -11.44 -18.98 -15.51
CA ILE A 40 -11.33 -17.57 -15.87
C ILE A 40 -10.77 -17.45 -17.28
N ASP A 41 -11.36 -16.54 -18.06
CA ASP A 41 -10.87 -16.25 -19.39
C ASP A 41 -9.65 -15.32 -19.33
N VAL A 42 -8.63 -15.63 -20.11
CA VAL A 42 -7.32 -14.97 -20.05
C VAL A 42 -6.93 -14.54 -21.46
N ALA A 43 -6.55 -13.28 -21.60
CA ALA A 43 -5.81 -12.82 -22.78
C ALA A 43 -4.43 -12.38 -22.32
N VAL A 44 -3.43 -12.65 -23.16
CA VAL A 44 -2.07 -12.19 -22.92
C VAL A 44 -1.64 -11.29 -24.08
N CYS A 45 -1.07 -10.15 -23.73
CA CYS A 45 -0.68 -9.11 -24.66
C CYS A 45 0.81 -8.75 -24.53
N LYS A 46 1.50 -8.62 -25.67
CA LYS A 46 2.93 -8.30 -25.70
C LYS A 46 3.13 -7.17 -26.72
N PRO A 47 2.93 -5.92 -26.30
CA PRO A 47 2.90 -4.82 -27.29
C PRO A 47 4.22 -4.53 -27.96
N VAL A 48 5.33 -4.56 -27.24
CA VAL A 48 6.63 -4.34 -27.84
C VAL A 48 7.44 -5.62 -27.65
N GLN A 49 7.85 -6.24 -28.76
CA GLN A 49 8.57 -7.50 -28.75
C GLN A 49 9.85 -7.35 -29.57
N THR A 50 10.99 -7.51 -28.90
CA THR A 50 12.31 -7.43 -29.50
C THR A 50 12.91 -8.82 -29.63
N GLY A 51 14.02 -8.90 -30.35
CA GLY A 51 14.75 -10.13 -30.56
C GLY A 51 14.08 -11.12 -31.48
N THR A 52 13.24 -10.66 -32.41
CA THR A 52 12.55 -11.60 -33.29
C THR A 52 13.54 -12.32 -34.21
N ALA A 53 14.55 -11.61 -34.72
CA ALA A 53 15.55 -12.29 -35.53
C ALA A 53 16.25 -13.43 -34.78
N ARG A 54 16.14 -13.50 -33.45
CA ARG A 54 16.63 -14.68 -32.72
C ARG A 54 15.51 -15.64 -32.34
N GLY A 55 14.29 -15.45 -32.84
CA GLY A 55 13.20 -16.34 -32.49
C GLY A 55 12.51 -16.07 -31.17
N ASP A 56 12.83 -14.95 -30.54
CA ASP A 56 12.09 -14.52 -29.35
C ASP A 56 10.67 -14.17 -29.74
N ASP A 57 9.71 -14.90 -29.18
CA ASP A 57 8.30 -14.59 -29.38
C ASP A 57 7.62 -14.95 -28.06
N ASP A 58 7.42 -13.96 -27.21
CA ASP A 58 6.86 -14.24 -25.88
C ASP A 58 5.42 -14.72 -25.96
N LEU A 59 4.64 -14.16 -26.88
CA LEU A 59 3.28 -14.63 -27.05
C LEU A 59 3.25 -16.11 -27.38
N ALA A 60 4.07 -16.54 -28.35
CA ALA A 60 4.10 -17.96 -28.70
C ALA A 60 4.46 -18.82 -27.50
N GLU A 61 5.36 -18.33 -26.65
CA GLU A 61 5.80 -19.13 -25.52
C GLU A 61 4.69 -19.26 -24.48
N VAL A 62 3.94 -18.18 -24.22
CA VAL A 62 2.74 -18.30 -23.39
C VAL A 62 1.77 -19.31 -23.99
N GLY A 63 1.58 -19.28 -25.30
CA GLY A 63 0.68 -20.26 -25.92
C GLY A 63 1.20 -21.68 -25.78
N ARG A 64 2.51 -21.86 -25.88
CA ARG A 64 3.11 -23.19 -25.83
C ARG A 64 3.02 -23.79 -24.44
N LEU A 65 3.24 -22.98 -23.40
CA LEU A 65 3.18 -23.51 -22.04
C LEU A 65 1.79 -23.57 -21.47
N ALA A 66 0.94 -22.62 -21.80
CA ALA A 66 -0.32 -22.48 -21.09
C ALA A 66 -1.51 -22.81 -21.96
N GLY A 67 -1.28 -22.95 -23.26
CA GLY A 67 -2.36 -23.11 -24.20
C GLY A 67 -3.19 -21.88 -24.44
N VAL A 68 -2.79 -20.72 -23.90
CA VAL A 68 -3.51 -19.51 -24.22
C VAL A 68 -3.51 -19.30 -25.72
N THR A 69 -4.70 -19.12 -26.26
CA THR A 69 -4.90 -18.87 -27.67
C THR A 69 -5.20 -17.42 -27.95
N GLN A 70 -5.53 -16.65 -26.92
CA GLN A 70 -5.87 -15.23 -27.08
C GLN A 70 -4.61 -14.43 -26.78
N LEU A 71 -3.73 -14.40 -27.80
CA LEU A 71 -2.44 -13.70 -27.81
C LEU A 71 -2.46 -12.48 -28.74
N ALA A 72 -2.07 -11.33 -28.20
CA ALA A 72 -2.06 -10.08 -28.97
C ALA A 72 -0.69 -9.41 -28.94
N GLY A 73 -0.04 -9.26 -30.10
CA GLY A 73 1.15 -8.45 -30.23
C GLY A 73 0.89 -7.17 -31.00
N LEU A 74 1.97 -6.40 -31.22
CA LEU A 74 1.84 -5.16 -31.99
C LEU A 74 3.12 -4.77 -32.73
N ALA A 75 4.19 -4.49 -31.99
CA ALA A 75 5.47 -4.08 -32.56
C ALA A 75 6.48 -5.19 -32.37
N ARG A 76 7.26 -5.43 -33.40
CA ARG A 76 8.24 -6.51 -33.45
C ARG A 76 9.49 -5.97 -34.10
N TYR A 77 10.62 -6.10 -33.41
CA TYR A 77 11.89 -5.61 -33.87
C TYR A 77 12.89 -6.76 -33.90
N PRO A 78 13.74 -6.84 -34.88
CA PRO A 78 14.57 -8.04 -35.01
C PRO A 78 15.63 -8.22 -33.94
N GLN A 79 16.40 -7.15 -33.66
CA GLN A 79 17.52 -7.24 -32.73
C GLN A 79 17.10 -7.43 -31.27
N PRO A 80 17.92 -8.15 -30.48
CA PRO A 80 17.73 -8.33 -29.00
C PRO A 80 18.32 -7.22 -28.15
N MET A 81 17.68 -6.06 -28.24
CA MET A 81 18.10 -4.83 -27.59
C MET A 81 16.88 -4.18 -26.93
N ALA A 82 17.15 -3.11 -26.21
CA ALA A 82 16.08 -2.22 -25.78
C ALA A 82 15.24 -1.83 -27.01
N PRO A 83 13.92 -1.72 -26.84
CA PRO A 83 13.06 -1.38 -27.99
C PRO A 83 13.50 -0.15 -28.77
N ALA A 84 13.91 0.91 -28.10
CA ALA A 84 14.39 2.11 -28.80
C ALA A 84 15.55 1.76 -29.71
N ALA A 85 16.49 0.96 -29.20
CA ALA A 85 17.69 0.62 -29.97
C ALA A 85 17.33 -0.34 -31.10
N ALA A 86 16.47 -1.31 -30.81
CA ALA A 86 16.05 -2.26 -31.83
C ALA A 86 15.31 -1.55 -32.97
N ALA A 87 14.50 -0.55 -32.61
CA ALA A 87 13.82 0.25 -33.61
C ALA A 87 14.81 1.09 -34.39
N GLU A 88 15.79 1.72 -33.73
CA GLU A 88 16.74 2.54 -34.48
C GLU A 88 17.55 1.68 -35.44
N HIS A 89 17.83 0.44 -35.05
CA HIS A 89 18.65 -0.46 -35.85
C HIS A 89 17.91 -1.12 -36.99
N ALA A 90 16.58 -1.15 -36.94
CA ALA A 90 15.80 -1.74 -38.00
C ALA A 90 15.32 -0.69 -38.99
N GLY A 91 15.61 0.57 -38.71
CA GLY A 91 15.08 1.68 -39.46
C GLY A 91 13.63 1.97 -39.18
N MET A 92 13.12 1.46 -38.07
CA MET A 92 11.71 1.55 -37.73
C MET A 92 11.53 2.56 -36.61
N ALA A 93 10.27 2.80 -36.24
CA ALA A 93 9.94 3.71 -35.16
C ALA A 93 9.24 2.93 -34.07
N LEU A 94 9.24 3.50 -32.87
CA LEU A 94 8.43 2.94 -31.80
C LEU A 94 6.95 3.28 -32.00
N PRO A 95 6.05 2.45 -31.48
CA PRO A 95 4.63 2.79 -31.50
C PRO A 95 4.34 4.05 -30.68
N ALA A 96 3.14 4.56 -30.89
CA ALA A 96 2.66 5.66 -30.08
C ALA A 96 2.01 5.09 -28.83
N ARG A 97 1.92 5.91 -27.79
N ARG A 97 1.92 5.93 -27.80
CA ARG A 97 1.29 5.47 -26.54
CA ARG A 97 1.30 5.54 -26.53
C ARG A 97 -0.14 5.01 -26.78
C ARG A 97 -0.13 5.03 -26.76
N ASP A 98 -0.94 5.81 -27.49
CA ASP A 98 -2.32 5.44 -27.71
C ASP A 98 -2.47 4.17 -28.56
N GLN A 99 -1.52 3.85 -29.45
CA GLN A 99 -1.55 2.56 -30.14
C GLN A 99 -1.44 1.38 -29.16
N ILE A 100 -0.59 1.52 -28.14
CA ILE A 100 -0.39 0.44 -27.19
C ILE A 100 -1.62 0.32 -26.32
N VAL A 101 -2.09 1.45 -25.83
CA VAL A 101 -3.27 1.46 -24.99
C VAL A 101 -4.47 0.93 -25.77
N ARG A 102 -4.60 1.34 -27.04
CA ARG A 102 -5.69 0.85 -27.87
C ARG A 102 -5.68 -0.68 -27.93
N LEU A 103 -4.48 -1.25 -28.18
CA LEU A 103 -4.32 -2.71 -28.24
C LEU A 103 -4.79 -3.40 -26.95
N ILE A 104 -4.53 -2.78 -25.81
CA ILE A 104 -4.90 -3.40 -24.54
C ILE A 104 -6.41 -3.30 -24.31
N ALA A 105 -6.97 -2.10 -24.50
CA ALA A 105 -8.40 -1.85 -24.27
C ALA A 105 -9.28 -2.74 -25.15
N ASP A 106 -8.83 -3.06 -26.37
CA ASP A 106 -9.64 -3.93 -27.21
C ASP A 106 -9.74 -5.35 -26.68
N LEU A 107 -8.79 -5.78 -25.85
CA LEU A 107 -8.84 -7.09 -25.23
C LEU A 107 -9.73 -7.10 -23.98
N ASP A 108 -9.77 -5.98 -23.27
CA ASP A 108 -10.46 -5.93 -21.99
C ASP A 108 -11.94 -6.24 -22.15
N ARG A 109 -12.46 -6.96 -21.17
CA ARG A 109 -13.81 -7.51 -21.20
C ARG A 109 -14.15 -8.10 -19.83
N PRO A 110 -15.34 -7.81 -19.31
CA PRO A 110 -15.76 -8.39 -18.04
C PRO A 110 -15.56 -9.90 -17.99
N GLY A 111 -15.02 -10.36 -16.87
CA GLY A 111 -14.70 -11.77 -16.64
C GLY A 111 -13.37 -12.22 -17.17
N ARG A 112 -12.67 -11.38 -17.93
CA ARG A 112 -11.38 -11.71 -18.52
C ARG A 112 -10.22 -11.10 -17.73
N LEU A 113 -9.16 -11.90 -17.55
CA LEU A 113 -7.91 -11.43 -16.99
C LEU A 113 -6.97 -11.20 -18.17
N THR A 114 -6.52 -9.96 -18.34
CA THR A 114 -5.69 -9.54 -19.47
C THR A 114 -4.32 -9.19 -18.91
N LEU A 115 -3.34 -10.04 -19.17
CA LEU A 115 -1.97 -9.81 -18.75
C LEU A 115 -1.20 -9.08 -19.84
N VAL A 116 -0.46 -8.06 -19.46
CA VAL A 116 0.29 -7.22 -20.38
C VAL A 116 1.75 -7.30 -19.97
N GLU A 117 2.53 -8.02 -20.76
CA GLU A 117 3.95 -8.17 -20.50
C GLU A 117 4.72 -7.06 -21.20
N GLY A 118 5.66 -6.44 -20.47
CA GLY A 118 6.41 -5.32 -20.96
C GLY A 118 7.67 -5.76 -21.70
N ALA A 119 8.49 -4.79 -22.02
CA ALA A 119 9.81 -5.06 -22.59
C ALA A 119 10.85 -4.79 -21.51
N GLY A 120 11.36 -5.85 -20.89
CA GLY A 120 12.36 -5.63 -19.87
C GLY A 120 11.74 -5.12 -18.58
N GLY A 121 12.44 -4.20 -17.90
CA GLY A 121 11.99 -3.62 -16.65
C GLY A 121 11.06 -2.40 -16.83
N LEU A 122 10.51 -1.95 -15.68
CA LEU A 122 9.32 -1.09 -15.70
C LEU A 122 9.52 0.21 -16.48
N LEU A 123 10.73 0.77 -16.47
CA LEU A 123 10.99 2.10 -17.01
C LEU A 123 11.60 2.06 -18.42
N VAL A 124 11.63 0.90 -19.08
CA VAL A 124 12.07 0.84 -20.48
C VAL A 124 11.12 1.65 -21.37
N GLU A 125 11.68 2.40 -22.32
CA GLU A 125 10.86 3.18 -23.25
C GLU A 125 10.08 2.29 -24.22
N LEU A 126 8.76 2.42 -24.23
CA LEU A 126 7.96 1.63 -25.15
C LEU A 126 7.46 2.46 -26.30
N ALA A 127 7.27 3.76 -26.08
CA ALA A 127 6.76 4.65 -27.09
C ALA A 127 7.43 6.00 -26.89
N GLU A 128 7.61 6.73 -27.99
CA GLU A 128 8.11 8.10 -27.91
C GLU A 128 7.05 9.04 -27.34
N PRO A 129 7.43 10.00 -26.49
CA PRO A 129 8.80 10.19 -26.01
C PRO A 129 8.95 9.69 -24.56
N GLY A 130 9.78 8.68 -24.35
CA GLY A 130 10.00 8.17 -23.02
C GLY A 130 8.74 7.64 -22.34
N VAL A 131 7.79 7.11 -23.12
CA VAL A 131 6.61 6.47 -22.56
C VAL A 131 6.98 5.07 -22.13
N THR A 132 6.65 4.71 -20.89
CA THR A 132 6.99 3.42 -20.28
C THR A 132 5.76 2.57 -20.03
N LEU A 133 6.01 1.34 -19.59
CA LEU A 133 4.92 0.50 -19.16
C LEU A 133 4.18 1.08 -17.96
N ARG A 134 4.85 1.92 -17.14
CA ARG A 134 4.15 2.62 -16.07
C ARG A 134 3.11 3.62 -16.57
N ASP A 135 3.50 4.46 -17.54
CA ASP A 135 2.50 5.36 -18.12
C ASP A 135 1.36 4.58 -18.71
N VAL A 136 1.67 3.51 -19.44
CA VAL A 136 0.63 2.67 -20.03
C VAL A 136 -0.28 2.11 -18.94
N ALA A 137 0.29 1.70 -17.81
CA ALA A 137 -0.48 1.15 -16.71
C ALA A 137 -1.44 2.19 -16.17
N VAL A 138 -0.98 3.44 -16.08
CA VAL A 138 -1.88 4.48 -15.58
C VAL A 138 -3.02 4.66 -16.57
N ASP A 139 -2.67 4.59 -17.86
CA ASP A 139 -3.65 4.82 -18.90
C ASP A 139 -4.74 3.77 -18.89
N VAL A 140 -4.38 2.50 -18.68
CA VAL A 140 -5.41 1.48 -18.70
C VAL A 140 -5.88 1.11 -17.31
N ALA A 141 -5.49 1.88 -16.28
CA ALA A 141 -5.88 1.65 -14.88
C ALA A 141 -5.54 0.26 -14.37
N ALA A 142 -4.39 -0.28 -14.78
CA ALA A 142 -4.05 -1.64 -14.37
C ALA A 142 -3.28 -1.63 -13.05
N ALA A 143 -3.29 -2.80 -12.41
CA ALA A 143 -2.36 -3.05 -11.32
C ALA A 143 -1.12 -3.74 -11.89
N ALA A 144 -0.02 -3.63 -11.16
CA ALA A 144 1.25 -4.19 -11.59
C ALA A 144 1.61 -5.36 -10.72
N LEU A 145 1.87 -6.49 -11.39
CA LEU A 145 2.47 -7.65 -10.75
C LEU A 145 3.95 -7.59 -11.12
N VAL A 146 4.81 -7.51 -10.12
CA VAL A 146 6.23 -7.26 -10.31
C VAL A 146 7.00 -8.57 -10.16
N VAL A 147 7.66 -9.01 -11.24
CA VAL A 147 8.49 -10.21 -11.22
C VAL A 147 9.90 -9.86 -10.76
N VAL A 148 10.40 -10.62 -9.77
CA VAL A 148 11.67 -10.38 -9.13
C VAL A 148 12.52 -11.65 -9.15
N THR A 149 13.82 -11.48 -8.90
CA THR A 149 14.72 -12.61 -8.69
C THR A 149 14.90 -12.91 -7.21
N ALA A 150 15.57 -14.03 -6.96
CA ALA A 150 16.00 -14.40 -5.61
C ALA A 150 17.47 -14.09 -5.41
N ASP A 151 18.09 -13.47 -6.40
CA ASP A 151 19.53 -13.32 -6.38
C ASP A 151 19.92 -12.04 -5.66
N LEU A 152 21.19 -11.99 -5.29
CA LEU A 152 21.74 -10.83 -4.63
C LEU A 152 21.54 -9.56 -5.46
N GLY A 153 21.02 -8.52 -4.82
CA GLY A 153 20.66 -7.31 -5.52
C GLY A 153 19.18 -7.15 -5.73
N THR A 154 18.39 -8.22 -5.50
CA THR A 154 16.98 -8.20 -5.88
C THR A 154 16.16 -7.31 -4.95
N LEU A 155 16.59 -7.15 -3.70
CA LEU A 155 15.84 -6.31 -2.76
C LEU A 155 15.88 -4.87 -3.21
N ASN A 156 17.08 -4.43 -3.60
CA ASN A 156 17.24 -3.07 -4.06
C ASN A 156 16.39 -2.85 -5.30
N HIS A 157 16.53 -3.73 -6.29
CA HIS A 157 15.75 -3.61 -7.52
C HIS A 157 14.24 -3.60 -7.25
N THR A 158 13.80 -4.54 -6.40
CA THR A 158 12.39 -4.60 -6.04
C THR A 158 11.91 -3.29 -5.40
N LYS A 159 12.65 -2.78 -4.39
CA LYS A 159 12.21 -1.56 -3.72
C LYS A 159 12.18 -0.38 -4.68
N LEU A 160 13.20 -0.27 -5.53
CA LEU A 160 13.21 0.78 -6.52
C LEU A 160 11.98 0.71 -7.41
N THR A 161 11.62 -0.50 -7.84
CA THR A 161 10.50 -0.67 -8.75
C THR A 161 9.18 -0.29 -8.07
N LEU A 162 8.96 -0.78 -6.85
CA LEU A 162 7.76 -0.42 -6.10
C LEU A 162 7.69 1.09 -5.90
N GLU A 163 8.83 1.71 -5.61
CA GLU A 163 8.83 3.15 -5.41
C GLU A 163 8.40 3.85 -6.69
N ALA A 164 8.93 3.40 -7.83
CA ALA A 164 8.50 3.94 -9.10
C ALA A 164 7.03 3.66 -9.40
N LEU A 165 6.49 2.53 -8.95
CA LEU A 165 5.07 2.26 -9.13
C LEU A 165 4.20 3.21 -8.30
N ALA A 166 4.56 3.40 -7.04
CA ALA A 166 3.78 4.24 -6.16
C ALA A 166 3.92 5.70 -6.51
N ALA A 167 5.01 6.06 -7.20
CA ALA A 167 5.19 7.45 -7.63
C ALA A 167 4.04 7.91 -8.49
N GLN A 168 3.42 7.00 -9.24
CA GLN A 168 2.29 7.36 -10.09
C GLN A 168 1.00 6.70 -9.64
N GLN A 169 0.92 6.26 -8.39
N GLN A 169 0.95 6.24 -8.40
CA GLN A 169 -0.29 5.67 -7.82
CA GLN A 169 -0.27 5.67 -7.82
C GLN A 169 -0.75 4.44 -8.61
C GLN A 169 -0.75 4.46 -8.61
N VAL A 170 0.20 3.74 -9.22
CA VAL A 170 -0.09 2.45 -9.85
C VAL A 170 -0.02 1.39 -8.78
N SER A 171 -1.11 0.67 -8.59
CA SER A 171 -1.19 -0.25 -7.48
C SER A 171 -0.35 -1.49 -7.75
N CYS A 172 0.31 -1.98 -6.70
CA CYS A 172 1.07 -3.23 -6.77
C CYS A 172 0.18 -4.41 -6.42
N ALA A 173 0.00 -5.32 -7.39
CA ALA A 173 -0.78 -6.52 -7.14
C ALA A 173 0.02 -7.60 -6.42
N GLY A 174 1.29 -7.36 -6.19
CA GLY A 174 2.14 -8.31 -5.53
C GLY A 174 3.37 -8.60 -6.36
N LEU A 175 4.25 -9.42 -5.78
CA LEU A 175 5.46 -9.86 -6.45
C LEU A 175 5.32 -11.32 -6.82
N VAL A 176 6.09 -11.73 -7.81
CA VAL A 176 6.26 -13.15 -8.12
C VAL A 176 7.74 -13.36 -8.32
N ILE A 177 8.32 -14.28 -7.54
CA ILE A 177 9.71 -14.70 -7.75
C ILE A 177 9.74 -15.58 -8.98
N GLY A 178 10.31 -15.04 -10.06
CA GLY A 178 10.28 -15.73 -11.33
C GLY A 178 10.94 -17.09 -11.29
N SER A 179 12.11 -17.20 -10.68
CA SER A 179 12.82 -18.47 -10.69
C SER A 179 13.28 -18.81 -9.29
N TRP A 180 12.76 -19.92 -8.76
CA TRP A 180 13.06 -20.29 -7.38
C TRP A 180 13.88 -21.55 -7.38
N PRO A 181 15.14 -21.47 -6.96
CA PRO A 181 16.03 -22.62 -7.03
C PRO A 181 15.72 -23.64 -5.95
N ASP A 182 15.95 -24.90 -6.28
CA ASP A 182 15.71 -26.01 -5.36
C ASP A 182 16.97 -26.85 -5.30
N PRO A 183 17.68 -26.87 -4.17
CA PRO A 183 17.34 -26.13 -2.93
C PRO A 183 17.75 -24.66 -2.94
N PRO A 184 17.11 -23.87 -2.09
CA PRO A 184 17.48 -22.45 -1.97
C PRO A 184 18.69 -22.28 -1.09
N GLY A 185 19.66 -21.53 -1.56
CA GLY A 185 20.80 -21.24 -0.73
C GLY A 185 20.46 -20.22 0.33
N LEU A 186 21.48 -19.81 1.05
CA LEU A 186 21.31 -18.89 2.17
C LEU A 186 20.77 -17.57 1.65
N VAL A 187 21.30 -17.14 0.51
CA VAL A 187 20.94 -15.88 -0.10
C VAL A 187 19.52 -15.94 -0.64
N ALA A 188 19.16 -17.03 -1.31
CA ALA A 188 17.81 -17.15 -1.83
C ALA A 188 16.77 -17.09 -0.72
N ALA A 189 16.91 -17.95 0.29
CA ALA A 189 15.97 -18.00 1.42
C ALA A 189 15.83 -16.65 2.11
N SER A 190 16.97 -16.00 2.38
CA SER A 190 16.94 -14.72 3.07
C SER A 190 16.19 -13.70 2.23
N ASN A 191 16.51 -13.64 0.94
CA ASN A 191 15.83 -12.69 0.09
C ASN A 191 14.34 -12.98 0.05
N ARG A 192 13.95 -14.26 0.01
CA ARG A 192 12.53 -14.57 -0.01
C ARG A 192 11.80 -14.04 1.20
N SER A 193 12.43 -14.12 2.38
N SER A 193 12.43 -14.09 2.37
CA SER A 193 11.78 -13.56 3.56
CA SER A 193 11.75 -13.55 3.54
C SER A 193 11.66 -12.05 3.45
C SER A 193 11.67 -12.03 3.48
N ALA A 194 12.76 -11.37 3.06
CA ALA A 194 12.73 -9.91 3.01
C ALA A 194 11.71 -9.42 1.99
N LEU A 195 11.70 -10.05 0.81
CA LEU A 195 10.65 -9.77 -0.17
C LEU A 195 9.26 -9.99 0.41
N ALA A 196 9.07 -11.06 1.22
CA ALA A 196 7.76 -11.26 1.82
C ALA A 196 7.41 -10.14 2.79
N ARG A 197 8.40 -9.40 3.29
CA ARG A 197 8.13 -8.26 4.18
C ARG A 197 7.91 -6.97 3.41
N ILE A 198 8.30 -6.93 2.13
CA ILE A 198 8.13 -5.69 1.36
C ILE A 198 6.79 -5.60 0.66
N ALA A 199 6.26 -6.74 0.23
CA ALA A 199 5.04 -6.78 -0.56
C ALA A 199 4.53 -8.21 -0.53
N MET A 200 3.28 -8.37 -0.89
CA MET A 200 2.71 -9.71 -1.03
C MET A 200 3.48 -10.52 -2.08
N VAL A 201 4.02 -11.66 -1.67
CA VAL A 201 4.67 -12.59 -2.61
C VAL A 201 3.60 -13.56 -3.10
N ARG A 202 3.26 -13.51 -4.40
CA ARG A 202 2.08 -14.25 -4.86
C ARG A 202 2.39 -15.69 -5.25
N ALA A 203 3.59 -15.94 -5.74
CA ALA A 203 4.03 -17.28 -6.09
C ALA A 203 5.53 -17.21 -6.29
N ALA A 204 6.16 -18.39 -6.27
CA ALA A 204 7.60 -18.50 -6.49
C ALA A 204 7.77 -19.70 -7.41
N LEU A 205 7.91 -19.42 -8.71
CA LEU A 205 7.88 -20.45 -9.73
C LEU A 205 9.19 -21.24 -9.71
N PRO A 206 9.12 -22.58 -9.68
CA PRO A 206 10.35 -23.38 -9.63
C PRO A 206 11.23 -23.18 -10.85
N ALA A 207 12.53 -23.16 -10.61
CA ALA A 207 13.51 -22.94 -11.67
C ALA A 207 13.40 -24.01 -12.75
N GLY A 208 13.60 -23.60 -14.01
CA GLY A 208 13.49 -24.54 -15.10
C GLY A 208 12.08 -24.92 -15.48
N ALA A 209 11.08 -24.15 -15.04
CA ALA A 209 9.69 -24.52 -15.28
C ALA A 209 9.35 -24.64 -16.76
N ALA A 210 10.08 -23.92 -17.63
CA ALA A 210 9.87 -23.93 -19.08
C ALA A 210 10.15 -25.30 -19.71
N SER A 211 10.71 -26.24 -18.96
N SER A 211 10.69 -26.25 -18.96
CA SER A 211 11.00 -27.58 -19.43
CA SER A 211 10.97 -27.58 -19.48
C SER A 211 9.87 -28.58 -19.15
C SER A 211 9.86 -28.57 -19.18
N LEU A 212 8.80 -28.13 -18.50
CA LEU A 212 7.65 -29.00 -18.20
C LEU A 212 6.61 -28.96 -19.31
N ASP A 213 6.03 -30.12 -19.62
CA ASP A 213 5.02 -30.20 -20.65
C ASP A 213 3.67 -29.74 -20.07
N ALA A 214 2.66 -29.76 -20.93
CA ALA A 214 1.36 -29.16 -20.62
C ALA A 214 0.83 -29.56 -19.24
N GLY A 215 0.75 -30.87 -18.96
CA GLY A 215 0.15 -31.28 -17.69
C GLY A 215 1.00 -30.93 -16.48
N ASP A 216 2.32 -31.09 -16.58
CA ASP A 216 3.17 -30.77 -15.45
C ASP A 216 3.17 -29.27 -15.20
N PHE A 217 3.25 -28.51 -16.29
CA PHE A 217 3.18 -27.05 -16.19
C PHE A 217 1.85 -26.56 -15.64
N ALA A 218 0.74 -27.24 -15.94
CA ALA A 218 -0.53 -26.82 -15.38
C ALA A 218 -0.64 -27.17 -13.90
N ALA A 219 -0.11 -28.34 -13.51
CA ALA A 219 -0.04 -28.69 -12.10
C ALA A 219 0.78 -27.67 -11.32
N MET A 220 2.00 -27.42 -11.80
CA MET A 220 2.83 -26.41 -11.16
C MET A 220 2.10 -25.07 -11.09
N SER A 221 1.34 -24.73 -12.13
CA SER A 221 0.73 -23.41 -12.13
C SER A 221 -0.35 -23.29 -11.09
N ALA A 222 -1.18 -24.31 -10.98
CA ALA A 222 -2.26 -24.24 -10.02
C ALA A 222 -1.71 -24.24 -8.59
N ALA A 223 -0.70 -25.08 -8.33
CA ALA A 223 -0.10 -25.09 -6.99
C ALA A 223 0.63 -23.80 -6.66
N ALA A 224 1.21 -23.14 -7.66
CA ALA A 224 2.04 -21.96 -7.45
C ALA A 224 1.29 -20.83 -6.73
N PHE A 225 0.08 -20.50 -7.16
CA PHE A 225 -0.68 -19.37 -6.65
C PHE A 225 -1.72 -19.78 -5.62
N ASP A 226 -2.04 -18.84 -4.74
CA ASP A 226 -3.20 -19.00 -3.88
C ASP A 226 -4.46 -19.09 -4.74
N ARG A 227 -5.25 -20.14 -4.52
CA ARG A 227 -6.47 -20.32 -5.30
C ARG A 227 -7.39 -19.11 -5.10
N ASN A 228 -7.50 -18.65 -3.85
CA ASN A 228 -8.40 -17.53 -3.55
C ASN A 228 -7.94 -16.23 -4.20
N TRP A 229 -6.63 -16.03 -4.31
CA TRP A 229 -6.13 -14.81 -4.93
C TRP A 229 -6.41 -14.81 -6.42
N VAL A 230 -6.19 -15.95 -7.08
CA VAL A 230 -6.48 -16.06 -8.50
C VAL A 230 -7.96 -15.82 -8.74
N ALA A 231 -8.82 -16.50 -7.96
CA ALA A 231 -10.26 -16.32 -8.15
C ALA A 231 -10.66 -14.87 -7.92
N GLY A 232 -10.07 -14.24 -6.90
CA GLY A 232 -10.29 -12.83 -6.57
C GLY A 232 -9.74 -11.84 -7.57
N LEU A 233 -9.06 -12.30 -8.63
CA LEU A 233 -8.55 -11.34 -9.61
C LEU A 233 -9.68 -10.79 -10.48
N VAL A 234 -10.71 -11.62 -10.69
CA VAL A 234 -11.85 -11.34 -11.56
C VAL A 234 -13.13 -11.76 -10.86
N GLY A 235 -14.14 -10.90 -10.89
CA GLY A 235 -15.44 -11.25 -10.35
C GLY A 235 -16.42 -11.77 -11.38
N GLY B 9 32.91 22.96 5.92
CA GLY B 9 32.89 21.68 5.23
C GLY B 9 33.53 21.65 3.84
N GLY B 10 33.65 20.46 3.25
CA GLY B 10 34.26 20.30 1.94
C GLY B 10 33.29 19.68 0.93
N THR B 11 33.72 18.70 0.14
CA THR B 11 32.78 17.96 -0.70
C THR B 11 32.63 16.51 -0.30
N ILE B 12 31.41 16.12 0.08
CA ILE B 12 31.06 14.72 0.29
C ILE B 12 30.31 14.23 -0.94
N LEU B 13 30.79 13.15 -1.54
CA LEU B 13 30.11 12.47 -2.63
C LEU B 13 29.77 11.05 -2.21
N VAL B 14 28.50 10.65 -2.34
CA VAL B 14 28.20 9.23 -2.18
C VAL B 14 28.34 8.59 -3.54
N VAL B 15 28.93 7.40 -3.57
CA VAL B 15 29.13 6.67 -4.82
C VAL B 15 28.22 5.45 -4.69
N THR B 16 27.10 5.46 -5.42
CA THR B 16 26.16 4.34 -5.36
C THR B 16 26.20 3.63 -6.71
N GLY B 17 25.45 2.54 -6.82
CA GLY B 17 25.36 1.82 -8.08
C GLY B 17 23.98 1.26 -8.37
N THR B 18 23.77 0.93 -9.64
CA THR B 18 22.50 0.32 -10.02
C THR B 18 22.33 -1.09 -9.46
N GLY B 19 23.40 -1.74 -9.03
CA GLY B 19 23.33 -3.05 -8.42
C GLY B 19 24.67 -3.35 -7.77
N THR B 20 24.85 -4.61 -7.41
CA THR B 20 26.12 -5.07 -6.87
C THR B 20 27.04 -5.56 -7.98
N GLY B 21 28.35 -5.33 -7.82
CA GLY B 21 29.30 -5.77 -8.82
C GLY B 21 29.40 -4.90 -10.04
N VAL B 22 28.97 -3.64 -9.93
CA VAL B 22 29.01 -2.71 -11.05
C VAL B 22 30.32 -1.95 -11.07
N GLY B 23 31.19 -2.24 -10.11
CA GLY B 23 32.48 -1.62 -9.97
C GLY B 23 32.40 -0.31 -9.25
N LYS B 24 31.59 -0.26 -8.20
CA LYS B 24 31.51 0.95 -7.39
C LYS B 24 32.86 1.23 -6.77
N THR B 25 33.49 0.17 -6.29
CA THR B 25 34.72 0.33 -5.56
C THR B 25 35.85 0.83 -6.46
N VAL B 26 35.98 0.26 -7.66
CA VAL B 26 37.01 0.71 -8.59
C VAL B 26 36.72 2.13 -9.05
N VAL B 27 35.44 2.52 -9.13
CA VAL B 27 35.13 3.90 -9.47
C VAL B 27 35.58 4.82 -8.33
N CYS B 28 35.27 4.45 -7.07
CA CYS B 28 35.78 5.21 -5.93
C CYS B 28 37.29 5.40 -6.06
N ALA B 29 38.01 4.30 -6.30
CA ALA B 29 39.46 4.35 -6.44
C ALA B 29 39.89 5.24 -7.59
N ALA B 30 39.24 5.11 -8.75
CA ALA B 30 39.60 5.91 -9.92
C ALA B 30 39.39 7.38 -9.66
N LEU B 31 38.21 7.75 -9.16
CA LEU B 31 37.95 9.15 -8.82
C LEU B 31 38.91 9.65 -7.76
N ALA B 32 39.19 8.83 -6.76
CA ALA B 32 40.17 9.20 -5.75
C ALA B 32 41.50 9.51 -6.40
N SER B 33 42.02 8.57 -7.20
CA SER B 33 43.31 8.76 -7.85
C SER B 33 43.34 10.03 -8.69
N ALA B 34 42.27 10.27 -9.44
CA ALA B 34 42.20 11.49 -10.25
C ALA B 34 42.24 12.71 -9.35
N ALA B 35 41.40 12.74 -8.34
CA ALA B 35 41.30 13.90 -7.46
C ALA B 35 42.61 14.15 -6.74
N ARG B 36 43.29 13.09 -6.30
CA ARG B 36 44.59 13.23 -5.65
C ARG B 36 45.62 13.79 -6.62
N GLN B 37 45.52 13.39 -7.87
CA GLN B 37 46.43 13.89 -8.90
C GLN B 37 46.13 15.34 -9.22
N ALA B 38 44.91 15.77 -8.97
CA ALA B 38 44.61 17.18 -8.95
C ALA B 38 45.03 17.84 -7.65
N GLY B 39 45.73 17.12 -6.78
CA GLY B 39 46.16 17.70 -5.55
C GLY B 39 45.03 17.91 -4.59
N ILE B 40 43.95 17.19 -4.76
CA ILE B 40 42.82 17.26 -3.86
C ILE B 40 43.04 16.18 -2.81
N ASP B 41 42.64 16.45 -1.58
CA ASP B 41 42.77 15.45 -0.54
C ASP B 41 41.52 14.57 -0.55
N VAL B 42 41.72 13.26 -0.54
CA VAL B 42 40.61 12.31 -0.64
C VAL B 42 40.58 11.46 0.61
N ALA B 43 39.37 11.23 1.09
CA ALA B 43 39.06 10.22 2.07
C ALA B 43 37.97 9.35 1.47
N VAL B 44 37.95 8.07 1.82
CA VAL B 44 36.91 7.17 1.37
C VAL B 44 36.34 6.46 2.59
N CYS B 45 35.02 6.47 2.74
CA CYS B 45 34.38 5.75 3.83
C CYS B 45 33.50 4.61 3.30
N LYS B 46 33.75 3.39 3.79
CA LYS B 46 32.87 2.25 3.58
C LYS B 46 32.35 1.81 4.95
N PRO B 47 31.20 2.34 5.39
CA PRO B 47 30.69 2.07 6.76
C PRO B 47 30.57 0.60 7.13
N VAL B 48 29.98 -0.20 6.24
CA VAL B 48 29.68 -1.60 6.48
C VAL B 48 30.28 -2.39 5.32
N GLN B 49 31.07 -3.41 5.67
CA GLN B 49 31.67 -4.34 4.73
C GLN B 49 31.21 -5.77 5.00
N THR B 50 30.74 -6.47 3.96
CA THR B 50 30.40 -7.88 4.06
C THR B 50 31.36 -8.74 3.26
N GLY B 51 31.17 -10.05 3.40
CA GLY B 51 32.00 -10.99 2.70
C GLY B 51 33.39 -11.06 3.28
N THR B 52 33.57 -10.71 4.55
CA THR B 52 34.93 -10.57 5.07
C THR B 52 35.63 -11.91 5.26
N ALA B 53 34.89 -13.01 5.41
CA ALA B 53 35.55 -14.28 5.57
C ALA B 53 36.44 -14.63 4.37
N ARG B 54 35.94 -14.40 3.15
CA ARG B 54 36.70 -14.59 1.90
C ARG B 54 37.54 -13.40 1.48
N GLY B 55 37.79 -12.44 2.36
CA GLY B 55 38.69 -11.37 2.01
C GLY B 55 38.09 -10.22 1.26
N ASP B 56 36.77 -10.10 1.21
CA ASP B 56 36.17 -8.89 0.66
C ASP B 56 36.60 -7.71 1.52
N ASP B 57 37.13 -6.67 0.87
CA ASP B 57 37.58 -5.51 1.64
C ASP B 57 37.76 -4.33 0.67
N ASP B 58 36.69 -3.57 0.45
CA ASP B 58 36.74 -2.57 -0.61
C ASP B 58 37.59 -1.36 -0.23
N LEU B 59 37.78 -1.10 1.06
CA LEU B 59 38.65 0.02 1.40
C LEU B 59 40.09 -0.35 1.12
N ALA B 60 40.45 -1.61 1.34
CA ALA B 60 41.79 -2.04 1.01
C ALA B 60 42.08 -1.88 -0.48
N GLU B 61 41.09 -2.20 -1.34
CA GLU B 61 41.28 -2.00 -2.78
C GLU B 61 41.54 -0.55 -3.10
N VAL B 62 40.82 0.36 -2.43
CA VAL B 62 41.08 1.77 -2.67
C VAL B 62 42.48 2.15 -2.21
N GLY B 63 42.93 1.59 -1.09
CA GLY B 63 44.29 1.88 -0.65
C GLY B 63 45.31 1.45 -1.68
N ARG B 64 45.20 0.22 -2.17
CA ARG B 64 46.17 -0.30 -3.13
C ARG B 64 46.12 0.47 -4.45
N LEU B 65 44.93 0.62 -5.04
CA LEU B 65 44.87 1.22 -6.37
C LEU B 65 45.17 2.73 -6.35
N ALA B 66 44.63 3.47 -5.37
CA ALA B 66 44.76 4.92 -5.39
C ALA B 66 45.66 5.49 -4.31
N GLY B 67 46.09 4.69 -3.35
CA GLY B 67 46.92 5.22 -2.29
C GLY B 67 46.23 6.11 -1.29
N VAL B 68 44.89 6.11 -1.28
CA VAL B 68 44.19 6.79 -0.20
C VAL B 68 44.57 6.12 1.10
N THR B 69 44.82 6.94 2.11
CA THR B 69 45.11 6.46 3.45
C THR B 69 44.00 6.76 4.41
N GLN B 70 43.22 7.82 4.16
CA GLN B 70 42.05 8.08 4.99
C GLN B 70 40.93 7.15 4.53
N LEU B 71 40.89 5.97 5.17
CA LEU B 71 40.00 4.87 4.82
C LEU B 71 39.26 4.47 6.08
N ALA B 72 37.96 4.68 6.12
CA ALA B 72 37.22 4.66 7.37
C ALA B 72 36.10 3.65 7.26
N GLY B 73 35.97 2.79 8.27
CA GLY B 73 34.91 1.78 8.32
C GLY B 73 34.45 1.49 9.74
N LEU B 74 33.23 0.92 9.85
CA LEU B 74 32.59 0.68 11.14
C LEU B 74 32.25 -0.75 11.45
N ALA B 75 32.10 -1.59 10.44
CA ALA B 75 31.62 -2.93 10.72
C ALA B 75 32.04 -3.85 9.58
N ARG B 76 32.31 -5.10 9.95
CA ARG B 76 32.77 -6.12 9.01
C ARG B 76 32.04 -7.42 9.31
N TYR B 77 31.30 -7.93 8.31
CA TYR B 77 30.59 -9.17 8.50
C TYR B 77 31.16 -10.24 7.61
N PRO B 78 31.41 -11.42 8.16
CA PRO B 78 32.09 -12.48 7.38
C PRO B 78 31.35 -12.90 6.10
N GLN B 79 30.03 -13.04 6.19
CA GLN B 79 29.21 -13.58 5.12
C GLN B 79 29.16 -12.67 3.89
N PRO B 80 29.25 -13.24 2.67
CA PRO B 80 29.12 -12.47 1.43
C PRO B 80 27.65 -12.19 1.10
N MET B 81 26.89 -11.72 2.08
CA MET B 81 25.47 -11.46 1.87
C MET B 81 25.22 -9.96 1.92
N ALA B 82 23.96 -9.60 1.67
CA ALA B 82 23.51 -8.23 1.89
C ALA B 82 23.64 -7.86 3.37
N PRO B 83 23.99 -6.60 3.69
CA PRO B 83 24.38 -6.27 5.06
C PRO B 83 23.43 -6.77 6.13
N ALA B 84 22.15 -6.55 5.97
CA ALA B 84 21.19 -6.96 6.97
C ALA B 84 21.13 -8.49 7.12
N ALA B 85 21.28 -9.22 6.00
CA ALA B 85 21.39 -10.67 6.05
C ALA B 85 22.65 -11.12 6.78
N ALA B 86 23.80 -10.50 6.44
CA ALA B 86 25.04 -10.83 7.11
C ALA B 86 24.94 -10.55 8.61
N ALA B 87 24.31 -9.43 8.97
CA ALA B 87 24.08 -9.10 10.37
C ALA B 87 23.24 -10.17 11.05
N GLU B 88 22.10 -10.54 10.45
CA GLU B 88 21.26 -11.57 11.04
C GLU B 88 22.01 -12.88 11.20
N HIS B 89 22.75 -13.30 10.18
CA HIS B 89 23.52 -14.53 10.25
C HIS B 89 24.57 -14.47 11.36
N ALA B 90 25.25 -13.32 11.49
CA ALA B 90 26.34 -13.16 12.47
C ALA B 90 25.84 -12.95 13.88
N GLY B 91 24.57 -12.57 14.06
CA GLY B 91 24.00 -12.37 15.36
C GLY B 91 24.22 -11.00 15.96
N MET B 92 24.38 -9.98 15.15
CA MET B 92 24.73 -8.66 15.64
C MET B 92 24.01 -7.63 14.78
N ALA B 93 23.59 -6.54 15.43
CA ALA B 93 22.89 -5.48 14.75
C ALA B 93 23.79 -4.83 13.70
N LEU B 94 23.18 -4.03 12.83
CA LEU B 94 23.93 -3.10 12.01
C LEU B 94 24.39 -1.90 12.85
N PRO B 95 25.32 -1.10 12.33
CA PRO B 95 25.63 0.18 12.97
C PRO B 95 24.41 1.07 13.05
N ALA B 96 24.51 2.12 13.85
CA ALA B 96 23.43 3.08 13.90
C ALA B 96 23.56 4.11 12.77
N ARG B 97 22.44 4.75 12.45
CA ARG B 97 22.44 5.86 11.51
C ARG B 97 23.40 6.94 11.95
N ASP B 98 23.37 7.26 13.25
CA ASP B 98 24.20 8.33 13.79
C ASP B 98 25.68 8.02 13.60
N GLN B 99 26.08 6.76 13.82
CA GLN B 99 27.48 6.37 13.69
C GLN B 99 27.96 6.68 12.29
N ILE B 100 27.15 6.32 11.29
CA ILE B 100 27.50 6.51 9.89
C ILE B 100 27.58 7.97 9.53
N VAL B 101 26.49 8.70 9.78
CA VAL B 101 26.45 10.10 9.44
C VAL B 101 27.59 10.85 10.12
N ARG B 102 27.82 10.60 11.40
CA ARG B 102 28.82 11.39 12.12
C ARG B 102 30.26 10.99 11.76
N LEU B 103 30.52 9.70 11.51
CA LEU B 103 31.83 9.31 10.99
C LEU B 103 32.13 10.04 9.67
N ILE B 104 31.11 10.16 8.82
CA ILE B 104 31.28 10.78 7.52
C ILE B 104 31.51 12.28 7.66
N ALA B 105 30.65 12.95 8.43
CA ALA B 105 30.83 14.38 8.66
C ALA B 105 32.13 14.71 9.38
N ASP B 106 32.71 13.74 10.12
CA ASP B 106 33.99 13.95 10.79
C ASP B 106 35.16 13.75 9.82
N LEU B 107 35.00 12.87 8.84
CA LEU B 107 35.97 12.83 7.77
C LEU B 107 35.96 14.11 6.94
N ASP B 108 34.78 14.70 6.72
CA ASP B 108 34.70 15.82 5.80
C ASP B 108 35.46 17.01 6.38
N ARG B 109 36.08 17.78 5.49
CA ARG B 109 36.82 18.98 5.85
C ARG B 109 37.01 19.81 4.58
N PRO B 110 37.35 21.09 4.72
CA PRO B 110 37.66 21.90 3.54
C PRO B 110 38.87 21.37 2.77
N GLY B 111 38.77 21.38 1.44
CA GLY B 111 39.81 20.87 0.58
C GLY B 111 39.75 19.39 0.29
N ARG B 112 38.89 18.65 0.98
CA ARG B 112 38.85 17.21 0.87
C ARG B 112 37.63 16.78 0.05
N LEU B 113 37.87 15.83 -0.84
CA LEU B 113 36.80 15.07 -1.47
C LEU B 113 36.58 13.81 -0.62
N THR B 114 35.39 13.62 -0.06
CA THR B 114 35.09 12.44 0.73
C THR B 114 34.12 11.54 -0.04
N LEU B 115 34.60 10.38 -0.48
CA LEU B 115 33.76 9.43 -1.20
C LEU B 115 33.18 8.45 -0.19
N VAL B 116 31.88 8.17 -0.30
CA VAL B 116 31.24 7.20 0.57
C VAL B 116 30.70 6.04 -0.25
N GLU B 117 31.25 4.84 -0.07
CA GLU B 117 30.79 3.66 -0.78
C GLU B 117 29.83 2.86 0.11
N GLY B 118 28.64 2.62 -0.42
CA GLY B 118 27.61 1.82 0.20
C GLY B 118 27.97 0.37 -0.06
N ALA B 119 26.99 -0.49 0.16
CA ALA B 119 27.05 -1.87 -0.29
C ALA B 119 25.91 -2.08 -1.29
N GLY B 120 26.21 -2.71 -2.43
CA GLY B 120 25.22 -2.91 -3.49
C GLY B 120 24.54 -1.64 -3.98
N GLY B 121 23.24 -1.72 -4.29
CA GLY B 121 22.51 -0.59 -4.82
C GLY B 121 22.04 0.44 -3.78
N LEU B 122 21.21 1.37 -4.27
CA LEU B 122 20.91 2.56 -3.50
C LEU B 122 20.00 2.31 -2.32
N LEU B 123 19.05 1.40 -2.43
CA LEU B 123 18.07 1.19 -1.40
C LEU B 123 18.38 0.04 -0.46
N VAL B 124 19.58 -0.54 -0.53
CA VAL B 124 19.88 -1.63 0.38
C VAL B 124 20.07 -1.09 1.80
N GLU B 125 19.77 -1.91 2.77
CA GLU B 125 19.77 -1.48 4.15
C GLU B 125 21.19 -1.38 4.69
N LEU B 126 21.51 -0.23 5.29
CA LEU B 126 22.86 0.07 5.77
C LEU B 126 22.98 0.21 7.28
N ALA B 127 21.91 0.56 7.98
CA ALA B 127 21.97 0.74 9.43
C ALA B 127 20.60 0.50 10.03
N GLU B 128 20.54 0.52 11.35
CA GLU B 128 19.27 0.40 12.04
C GLU B 128 18.63 1.78 12.20
N PRO B 129 17.29 1.88 12.07
CA PRO B 129 16.34 0.84 11.64
C PRO B 129 15.94 0.99 10.16
N GLY B 130 16.52 0.18 9.29
CA GLY B 130 16.16 0.18 7.89
C GLY B 130 16.54 1.44 7.14
N VAL B 131 17.65 2.09 7.51
CA VAL B 131 18.10 3.31 6.86
C VAL B 131 19.10 3.00 5.74
N THR B 132 19.01 3.71 4.63
CA THR B 132 19.75 3.43 3.40
C THR B 132 20.81 4.50 3.14
N LEU B 133 21.71 4.18 2.19
CA LEU B 133 22.64 5.18 1.67
C LEU B 133 21.95 6.43 1.18
N ARG B 134 20.73 6.31 0.66
CA ARG B 134 20.02 7.50 0.22
C ARG B 134 19.73 8.42 1.39
N ASP B 135 19.22 7.84 2.49
CA ASP B 135 19.03 8.60 3.72
C ASP B 135 20.33 9.25 4.17
N VAL B 136 21.41 8.46 4.25
CA VAL B 136 22.70 9.01 4.66
C VAL B 136 23.06 10.22 3.81
N ALA B 137 22.91 10.09 2.48
CA ALA B 137 23.28 11.17 1.57
C ALA B 137 22.47 12.43 1.86
N VAL B 138 21.21 12.24 2.26
CA VAL B 138 20.39 13.37 2.67
C VAL B 138 20.95 14.02 3.92
N ASP B 139 21.25 13.21 4.94
CA ASP B 139 21.68 13.73 6.23
C ASP B 139 22.96 14.58 6.17
N VAL B 140 23.82 14.35 5.17
CA VAL B 140 25.11 15.05 5.06
C VAL B 140 25.18 15.94 3.83
N ALA B 141 24.05 16.13 3.11
CA ALA B 141 23.96 17.07 1.98
C ALA B 141 24.88 16.70 0.83
N ALA B 142 25.14 15.41 0.66
CA ALA B 142 25.98 14.91 -0.41
C ALA B 142 25.18 14.67 -1.69
N ALA B 143 25.85 14.88 -2.83
CA ALA B 143 25.35 14.40 -4.10
C ALA B 143 25.70 12.94 -4.30
N ALA B 144 25.07 12.33 -5.31
CA ALA B 144 25.25 10.92 -5.61
C ALA B 144 25.87 10.76 -6.99
N LEU B 145 26.93 9.98 -7.05
CA LEU B 145 27.56 9.52 -8.28
C LEU B 145 27.04 8.11 -8.54
N VAL B 146 26.41 7.88 -9.69
CA VAL B 146 25.73 6.61 -9.96
C VAL B 146 26.63 5.78 -10.87
N VAL B 147 27.09 4.64 -10.38
CA VAL B 147 27.92 3.74 -11.17
C VAL B 147 26.97 2.79 -11.87
N VAL B 148 27.15 2.66 -13.19
CA VAL B 148 26.24 1.94 -14.05
C VAL B 148 27.03 0.94 -14.90
N THR B 149 26.31 -0.03 -15.47
CA THR B 149 26.89 -0.94 -16.45
C THR B 149 26.53 -0.51 -17.86
N ALA B 150 27.13 -1.17 -18.82
CA ALA B 150 26.78 -0.91 -20.21
C ALA B 150 25.92 -2.03 -20.75
N ASP B 151 25.47 -2.93 -19.88
CA ASP B 151 24.80 -4.14 -20.34
C ASP B 151 23.31 -3.90 -20.46
N LEU B 152 22.68 -4.74 -21.28
CA LEU B 152 21.25 -4.80 -21.40
C LEU B 152 20.60 -4.72 -20.03
N GLY B 153 19.66 -3.77 -19.87
CA GLY B 153 19.00 -3.55 -18.60
C GLY B 153 19.48 -2.34 -17.84
N THR B 154 20.68 -1.84 -18.16
CA THR B 154 21.21 -0.72 -17.41
C THR B 154 20.30 0.50 -17.51
N LEU B 155 19.61 0.68 -18.63
CA LEU B 155 18.75 1.85 -18.78
C LEU B 155 17.64 1.84 -17.73
N ASN B 156 16.91 0.73 -17.64
CA ASN B 156 15.85 0.63 -16.64
C ASN B 156 16.40 0.91 -15.24
N HIS B 157 17.45 0.19 -14.86
CA HIS B 157 18.05 0.35 -13.53
C HIS B 157 18.52 1.78 -13.26
N THR B 158 19.10 2.42 -14.26
CA THR B 158 19.55 3.80 -14.08
C THR B 158 18.38 4.74 -13.85
N LYS B 159 17.37 4.69 -14.72
CA LYS B 159 16.22 5.58 -14.56
C LYS B 159 15.59 5.37 -13.19
N LEU B 160 15.51 4.11 -12.75
CA LEU B 160 15.01 3.80 -11.41
C LEU B 160 15.85 4.46 -10.32
N THR B 161 17.18 4.39 -10.45
CA THR B 161 18.04 4.96 -9.42
C THR B 161 17.96 6.49 -9.41
N LEU B 162 18.06 7.13 -10.58
CA LEU B 162 17.94 8.59 -10.64
C LEU B 162 16.58 9.07 -10.12
N GLU B 163 15.51 8.30 -10.35
CA GLU B 163 14.21 8.65 -9.82
C GLU B 163 14.20 8.57 -8.31
N ALA B 164 14.85 7.55 -7.76
CA ALA B 164 14.89 7.43 -6.31
C ALA B 164 15.73 8.56 -5.71
N LEU B 165 16.86 8.87 -6.34
CA LEU B 165 17.65 10.04 -5.98
C LEU B 165 16.81 11.30 -5.90
N ALA B 166 16.10 11.61 -6.99
CA ALA B 166 15.35 12.86 -7.06
C ALA B 166 14.20 12.87 -6.03
N ALA B 167 13.56 11.73 -5.82
CA ALA B 167 12.46 11.64 -4.87
C ALA B 167 12.81 12.20 -3.49
N GLN B 168 14.08 12.14 -3.08
CA GLN B 168 14.55 12.70 -1.80
C GLN B 168 15.45 13.90 -2.00
N GLN B 169 15.34 14.57 -3.14
CA GLN B 169 16.11 15.76 -3.49
C GLN B 169 17.61 15.55 -3.24
N VAL B 170 18.07 14.32 -3.50
CA VAL B 170 19.51 14.03 -3.61
C VAL B 170 19.97 14.33 -5.02
N SER B 171 20.94 15.21 -5.16
CA SER B 171 21.42 15.56 -6.48
C SER B 171 22.20 14.43 -7.13
N CYS B 172 22.14 14.38 -8.46
CA CYS B 172 22.89 13.42 -9.25
C CYS B 172 24.10 14.12 -9.84
N ALA B 173 25.29 13.71 -9.40
CA ALA B 173 26.57 14.22 -9.89
C ALA B 173 27.00 13.68 -11.24
N GLY B 174 26.35 12.63 -11.71
CA GLY B 174 26.69 12.08 -13.00
C GLY B 174 26.69 10.57 -12.92
N LEU B 175 26.98 9.94 -14.04
CA LEU B 175 27.18 8.51 -14.15
C LEU B 175 28.61 8.16 -14.50
N VAL B 176 29.06 7.00 -14.01
CA VAL B 176 30.28 6.36 -14.47
C VAL B 176 29.94 4.94 -14.90
N ILE B 177 30.39 4.54 -16.09
CA ILE B 177 30.29 3.14 -16.49
C ILE B 177 31.42 2.42 -15.77
N GLY B 178 31.06 1.53 -14.83
CA GLY B 178 32.06 0.86 -14.02
C GLY B 178 33.04 0.03 -14.81
N SER B 179 32.56 -0.63 -15.85
CA SER B 179 33.42 -1.53 -16.60
C SER B 179 32.99 -1.44 -18.04
N TRP B 180 33.89 -0.92 -18.87
CA TRP B 180 33.69 -0.77 -20.29
C TRP B 180 34.33 -1.96 -20.97
N PRO B 181 33.56 -2.79 -21.64
CA PRO B 181 34.11 -4.00 -22.26
C PRO B 181 34.97 -3.70 -23.48
N ASP B 182 35.79 -4.66 -23.80
CA ASP B 182 36.60 -4.57 -25.01
C ASP B 182 36.56 -5.93 -25.70
N PRO B 183 36.15 -5.98 -26.97
CA PRO B 183 35.53 -4.85 -27.67
C PRO B 183 34.13 -4.56 -27.16
N PRO B 184 33.67 -3.31 -27.31
CA PRO B 184 32.40 -2.90 -26.70
C PRO B 184 31.22 -3.82 -27.00
N GLY B 185 30.93 -4.00 -28.28
CA GLY B 185 29.72 -4.69 -28.67
C GLY B 185 28.58 -3.73 -28.94
N LEU B 186 27.59 -4.21 -29.69
CA LEU B 186 26.55 -3.34 -30.19
C LEU B 186 25.69 -2.80 -29.04
N VAL B 187 25.30 -3.69 -28.11
CA VAL B 187 24.46 -3.27 -27.00
C VAL B 187 25.17 -2.26 -26.11
N ALA B 188 26.43 -2.53 -25.77
CA ALA B 188 27.13 -1.61 -24.89
C ALA B 188 27.36 -0.26 -25.56
N ALA B 189 27.68 -0.27 -26.85
CA ALA B 189 27.87 0.99 -27.56
C ALA B 189 26.60 1.81 -27.59
N SER B 190 25.46 1.16 -27.87
CA SER B 190 24.19 1.86 -27.89
C SER B 190 23.81 2.38 -26.51
N ASN B 191 24.09 1.59 -25.49
CA ASN B 191 23.73 2.00 -24.15
C ASN B 191 24.53 3.23 -23.74
N ARG B 192 25.82 3.31 -24.09
CA ARG B 192 26.62 4.47 -23.70
C ARG B 192 26.03 5.79 -24.23
N SER B 193 25.53 5.79 -25.46
N SER B 193 25.52 5.79 -25.47
CA SER B 193 24.85 6.98 -25.97
CA SER B 193 24.85 6.98 -25.97
C SER B 193 23.55 7.25 -25.22
C SER B 193 23.55 7.25 -25.22
N ALA B 194 22.70 6.23 -25.09
CA ALA B 194 21.44 6.40 -24.36
C ALA B 194 21.69 6.96 -22.97
N LEU B 195 22.59 6.33 -22.21
CA LEU B 195 23.03 6.82 -20.92
C LEU B 195 23.44 8.30 -20.98
N ALA B 196 24.15 8.69 -22.04
CA ALA B 196 24.50 10.09 -22.13
C ALA B 196 23.29 10.97 -22.36
N ARG B 197 22.15 10.39 -22.75
CA ARG B 197 20.94 11.22 -22.90
C ARG B 197 20.18 11.46 -21.60
N ILE B 198 20.52 10.79 -20.50
CA ILE B 198 19.79 10.99 -19.24
C ILE B 198 20.63 11.63 -18.16
N ALA B 199 21.95 11.55 -18.24
CA ALA B 199 22.81 12.21 -17.26
C ALA B 199 24.19 12.28 -17.88
N MET B 200 25.01 13.14 -17.28
CA MET B 200 26.40 13.36 -17.67
C MET B 200 27.24 12.13 -17.38
N VAL B 201 27.69 11.43 -18.43
CA VAL B 201 28.71 10.39 -18.26
C VAL B 201 30.06 11.01 -17.93
N ARG B 202 30.57 10.69 -16.74
CA ARG B 202 31.80 11.31 -16.27
C ARG B 202 33.00 10.50 -16.74
N ALA B 203 32.84 9.18 -16.74
CA ALA B 203 33.90 8.30 -17.22
C ALA B 203 33.32 6.93 -17.57
N ALA B 204 34.12 6.15 -18.29
CA ALA B 204 33.89 4.73 -18.51
C ALA B 204 35.20 4.02 -18.23
N LEU B 205 35.22 3.16 -17.18
CA LEU B 205 36.51 2.60 -16.79
C LEU B 205 36.78 1.32 -17.54
N PRO B 206 37.94 1.19 -18.19
CA PRO B 206 38.19 -0.04 -18.95
C PRO B 206 37.98 -1.26 -18.08
N ALA B 207 37.34 -2.28 -18.66
CA ALA B 207 37.13 -3.53 -17.97
C ALA B 207 38.47 -4.12 -17.57
N GLY B 208 38.59 -4.56 -16.31
CA GLY B 208 39.82 -5.19 -15.89
C GLY B 208 40.79 -4.28 -15.17
N ALA B 209 40.50 -2.96 -15.09
CA ALA B 209 41.40 -2.02 -14.43
C ALA B 209 41.76 -2.44 -13.01
N ALA B 210 40.84 -3.04 -12.26
CA ALA B 210 41.13 -3.49 -10.89
C ALA B 210 42.43 -4.31 -10.80
N SER B 211 42.98 -4.77 -11.93
CA SER B 211 44.19 -5.58 -11.96
C SER B 211 45.44 -4.76 -12.21
N LEU B 212 45.31 -3.47 -12.50
CA LEU B 212 46.50 -2.67 -12.72
C LEU B 212 47.26 -2.50 -11.42
N ASP B 213 48.55 -2.21 -11.57
CA ASP B 213 49.36 -1.75 -10.46
C ASP B 213 49.09 -0.26 -10.27
N ALA B 214 49.67 0.35 -9.23
CA ALA B 214 49.20 1.68 -8.86
C ALA B 214 49.58 2.72 -9.90
N GLY B 215 50.74 2.56 -10.53
CA GLY B 215 51.18 3.48 -11.56
C GLY B 215 50.21 3.48 -12.73
N ASP B 216 49.95 2.30 -13.29
CA ASP B 216 49.03 2.17 -14.41
C ASP B 216 47.61 2.57 -14.02
N PHE B 217 47.14 2.16 -12.84
CA PHE B 217 45.80 2.58 -12.41
C PHE B 217 45.71 4.09 -12.34
N ALA B 218 46.74 4.73 -11.80
CA ALA B 218 46.75 6.18 -11.72
C ALA B 218 46.69 6.80 -13.10
N ALA B 219 47.35 6.17 -14.07
CA ALA B 219 47.35 6.72 -15.43
C ALA B 219 45.96 6.61 -16.05
N MET B 220 45.40 5.40 -16.01
CA MET B 220 44.03 5.18 -16.40
C MET B 220 43.10 6.24 -15.81
N SER B 221 43.11 6.35 -14.48
CA SER B 221 42.22 7.29 -13.78
C SER B 221 42.43 8.70 -14.28
N ALA B 222 43.68 9.10 -14.46
CA ALA B 222 43.95 10.44 -14.96
C ALA B 222 43.24 10.65 -16.29
N ALA B 223 43.26 9.63 -17.17
CA ALA B 223 42.64 9.80 -18.49
C ALA B 223 41.12 9.54 -18.52
N ALA B 224 40.54 8.96 -17.48
CA ALA B 224 39.15 8.57 -17.55
C ALA B 224 38.16 9.71 -17.25
N PHE B 225 38.51 10.63 -16.35
CA PHE B 225 37.62 11.73 -15.96
C PHE B 225 38.04 13.03 -16.59
N ASP B 226 37.08 13.95 -16.76
CA ASP B 226 37.44 15.29 -17.21
C ASP B 226 38.17 15.98 -16.08
N ARG B 227 39.32 16.57 -16.40
CA ARG B 227 40.18 17.11 -15.35
C ARG B 227 39.49 18.29 -14.68
N ASN B 228 38.83 19.13 -15.49
CA ASN B 228 38.13 20.31 -14.98
C ASN B 228 36.99 19.93 -14.06
N TRP B 229 36.25 18.86 -14.38
CA TRP B 229 35.18 18.41 -13.51
C TRP B 229 35.74 17.97 -12.15
N VAL B 230 36.75 17.10 -12.21
CA VAL B 230 37.42 16.59 -11.02
C VAL B 230 37.88 17.73 -10.11
N ALA B 231 38.67 18.65 -10.67
CA ALA B 231 39.10 19.83 -9.91
C ALA B 231 37.90 20.57 -9.35
N GLY B 232 36.90 20.79 -10.20
CA GLY B 232 35.68 21.50 -9.89
C GLY B 232 34.86 20.84 -8.81
N LEU B 233 35.29 19.67 -8.34
CA LEU B 233 34.57 18.96 -7.30
C LEU B 233 34.71 19.63 -5.93
N VAL B 234 35.87 20.22 -5.62
CA VAL B 234 36.09 20.78 -4.29
C VAL B 234 36.39 22.29 -4.23
N HIS C 8 5.31 -22.26 13.03
CA HIS C 8 6.34 -21.22 13.02
C HIS C 8 6.02 -20.10 14.01
N GLY C 9 6.63 -20.17 15.19
CA GLY C 9 6.64 -19.16 16.26
C GLY C 9 5.46 -19.21 17.22
N GLY C 10 5.15 -18.06 17.86
CA GLY C 10 3.97 -17.93 18.71
C GLY C 10 2.68 -17.47 18.07
N THR C 11 1.84 -16.82 18.90
CA THR C 11 0.60 -16.20 18.44
C THR C 11 0.79 -14.71 18.32
N ILE C 12 0.56 -14.19 17.14
CA ILE C 12 0.40 -12.76 16.93
C ILE C 12 -1.09 -12.48 16.85
N LEU C 13 -1.54 -11.42 17.50
CA LEU C 13 -2.95 -11.06 17.50
C LEU C 13 -3.07 -9.54 17.35
N VAL C 14 -3.62 -9.08 16.24
CA VAL C 14 -3.85 -7.64 16.15
C VAL C 14 -5.11 -7.29 16.94
N VAL C 15 -5.14 -6.09 17.49
CA VAL C 15 -6.28 -5.62 18.27
C VAL C 15 -6.70 -4.34 17.56
N THR C 16 -7.70 -4.45 16.69
CA THR C 16 -8.29 -3.31 16.03
C THR C 16 -9.57 -2.84 16.73
N GLY C 17 -10.22 -1.85 16.13
CA GLY C 17 -11.48 -1.37 16.66
C GLY C 17 -12.26 -0.68 15.56
N THR C 18 -13.51 -0.39 15.87
CA THR C 18 -14.44 0.21 14.92
C THR C 18 -14.17 1.70 14.71
N GLY C 19 -13.14 2.24 15.33
CA GLY C 19 -12.89 3.65 15.25
C GLY C 19 -11.89 4.06 16.31
N THR C 20 -11.80 5.36 16.50
CA THR C 20 -10.88 5.88 17.48
C THR C 20 -11.45 5.85 18.88
N GLY C 21 -10.56 5.77 19.86
CA GLY C 21 -10.95 5.93 21.25
C GLY C 21 -12.01 4.96 21.71
N VAL C 22 -11.94 3.71 21.27
CA VAL C 22 -12.91 2.71 21.66
C VAL C 22 -12.44 1.87 22.82
N GLY C 23 -11.21 2.05 23.27
CA GLY C 23 -10.68 1.22 24.31
C GLY C 23 -9.71 0.15 23.86
N LYS C 24 -9.09 0.31 22.70
CA LYS C 24 -8.14 -0.69 22.27
C LYS C 24 -7.02 -0.86 23.28
N THR C 25 -6.54 0.27 23.82
CA THR C 25 -5.42 0.23 24.75
C THR C 25 -5.82 -0.45 26.07
N VAL C 26 -7.02 -0.15 26.59
CA VAL C 26 -7.52 -0.78 27.82
C VAL C 26 -7.72 -2.27 27.61
N VAL C 27 -8.25 -2.64 26.44
CA VAL C 27 -8.42 -4.03 26.10
C VAL C 27 -7.08 -4.76 26.12
N CYS C 28 -6.07 -4.22 25.43
CA CYS C 28 -4.73 -4.79 25.49
C CYS C 28 -4.24 -5.00 26.91
N ALA C 29 -4.39 -3.98 27.77
CA ALA C 29 -3.94 -4.18 29.14
C ALA C 29 -4.73 -5.29 29.82
N ALA C 30 -6.04 -5.38 29.55
CA ALA C 30 -6.86 -6.39 30.21
C ALA C 30 -6.47 -7.79 29.75
N LEU C 31 -6.37 -8.00 28.44
CA LEU C 31 -6.03 -9.30 27.90
C LEU C 31 -4.63 -9.72 28.33
N ALA C 32 -3.69 -8.76 28.34
CA ALA C 32 -2.34 -9.06 28.80
C ALA C 32 -2.32 -9.46 30.26
N SER C 33 -3.07 -8.76 31.13
CA SER C 33 -3.12 -9.17 32.53
C SER C 33 -3.80 -10.54 32.71
N ALA C 34 -4.84 -10.82 31.92
CA ALA C 34 -5.51 -12.12 31.97
C ALA C 34 -4.59 -13.26 31.53
N ALA C 35 -3.82 -13.04 30.47
CA ALA C 35 -2.92 -14.09 29.99
C ALA C 35 -1.70 -14.24 30.90
N ARG C 36 -1.17 -13.12 31.38
CA ARG C 36 -0.04 -13.11 32.30
C ARG C 36 -0.39 -13.81 33.59
N GLN C 37 -1.65 -13.71 34.02
CA GLN C 37 -2.10 -14.45 35.20
C GLN C 37 -2.30 -15.94 34.91
N ALA C 38 -2.71 -16.30 33.69
CA ALA C 38 -2.73 -17.70 33.26
C ALA C 38 -1.36 -18.22 32.87
N GLY C 39 -0.30 -17.52 33.29
CA GLY C 39 1.07 -17.93 33.13
C GLY C 39 1.67 -17.74 31.75
N ILE C 40 0.97 -17.04 30.84
CA ILE C 40 1.46 -16.86 29.46
C ILE C 40 2.42 -15.67 29.41
N ASP C 41 3.41 -15.75 28.53
CA ASP C 41 4.23 -14.61 28.15
C ASP C 41 3.53 -13.69 27.17
N VAL C 42 3.43 -12.41 27.53
CA VAL C 42 2.74 -11.42 26.72
C VAL C 42 3.73 -10.33 26.33
N ALA C 43 3.59 -9.84 25.10
CA ALA C 43 4.26 -8.65 24.65
C ALA C 43 3.26 -7.77 23.92
N VAL C 44 3.46 -6.46 24.03
CA VAL C 44 2.59 -5.52 23.37
C VAL C 44 3.41 -4.61 22.47
N CYS C 45 2.87 -4.39 21.28
CA CYS C 45 3.54 -3.62 20.25
C CYS C 45 2.59 -2.52 19.77
N LYS C 46 3.16 -1.36 19.46
CA LYS C 46 2.42 -0.22 18.93
C LYS C 46 3.28 0.42 17.88
N PRO C 47 3.14 -0.01 16.62
CA PRO C 47 4.04 0.49 15.58
C PRO C 47 3.84 1.95 15.24
N VAL C 48 2.62 2.46 15.29
CA VAL C 48 2.33 3.86 14.99
C VAL C 48 1.58 4.46 16.19
N GLN C 49 2.20 5.47 16.81
CA GLN C 49 1.64 6.21 17.94
C GLN C 49 1.52 7.69 17.55
N THR C 50 0.29 8.17 17.45
CA THR C 50 0.01 9.58 17.31
C THR C 50 -0.50 10.22 18.61
N GLY C 51 -0.55 11.55 18.62
CA GLY C 51 -1.15 12.27 19.72
C GLY C 51 -0.25 12.54 20.92
N THR C 52 1.08 12.53 20.77
CA THR C 52 1.94 12.80 21.93
C THR C 52 1.78 14.23 22.43
N ALA C 53 1.41 15.17 21.55
CA ALA C 53 1.21 16.53 22.03
C ALA C 53 0.10 16.61 23.04
N ARG C 54 -0.79 15.65 23.03
CA ARG C 54 -1.91 15.58 23.95
C ARG C 54 -1.56 14.76 25.17
N GLY C 55 -0.40 14.11 25.17
CA GLY C 55 -0.02 13.21 26.23
C GLY C 55 -0.20 11.76 25.96
N ASP C 56 -0.55 11.37 24.72
CA ASP C 56 -0.83 9.97 24.46
C ASP C 56 0.44 9.14 24.49
N ASP C 57 0.43 8.02 25.21
CA ASP C 57 1.45 6.98 25.03
C ASP C 57 0.81 5.65 25.39
N ASP C 58 0.37 4.93 24.37
CA ASP C 58 -0.37 3.70 24.62
C ASP C 58 0.52 2.63 25.25
N LEU C 59 1.77 2.51 24.79
CA LEU C 59 2.66 1.52 25.37
C LEU C 59 2.88 1.82 26.86
N ALA C 60 3.07 3.10 27.20
CA ALA C 60 3.21 3.49 28.60
C ALA C 60 1.95 3.16 29.41
N GLU C 61 0.78 3.53 28.91
CA GLU C 61 -0.47 3.21 29.58
C GLU C 61 -0.62 1.71 29.83
N VAL C 62 -0.21 0.87 28.87
CA VAL C 62 -0.24 -0.58 29.05
C VAL C 62 0.68 -1.01 30.18
N GLY C 63 1.92 -0.48 30.19
CA GLY C 63 2.79 -0.78 31.33
C GLY C 63 2.14 -0.39 32.65
N ARG C 64 1.55 0.81 32.71
CA ARG C 64 0.88 1.27 33.93
C ARG C 64 -0.22 0.32 34.36
N LEU C 65 -1.21 0.09 33.49
CA LEU C 65 -2.40 -0.68 33.87
C LEU C 65 -2.08 -2.14 34.19
N ALA C 66 -1.17 -2.77 33.42
CA ALA C 66 -1.02 -4.22 33.46
C ALA C 66 0.39 -4.71 33.81
N GLY C 67 1.33 -3.82 34.12
CA GLY C 67 2.67 -4.28 34.49
C GLY C 67 3.46 -4.98 33.41
N VAL C 68 3.12 -4.78 32.12
CA VAL C 68 3.88 -5.37 31.01
C VAL C 68 5.22 -4.66 30.86
N THR C 69 6.29 -5.46 30.75
CA THR C 69 7.62 -4.93 30.53
C THR C 69 8.05 -4.99 29.08
N GLN C 70 7.54 -5.96 28.32
CA GLN C 70 7.91 -6.17 26.92
C GLN C 70 7.06 -5.25 26.07
N LEU C 71 7.57 -4.05 25.80
CA LEU C 71 6.85 -3.03 25.04
C LEU C 71 7.67 -2.56 23.86
N ALA C 72 7.09 -2.60 22.67
CA ALA C 72 7.81 -2.20 21.46
C ALA C 72 7.00 -1.17 20.70
N GLY C 73 7.63 -0.05 20.36
CA GLY C 73 7.07 0.96 19.50
C GLY C 73 7.95 1.20 18.27
N LEU C 74 7.53 2.17 17.46
CA LEU C 74 8.34 2.58 16.30
C LEU C 74 8.09 4.04 15.96
N ALA C 75 7.04 4.30 15.20
CA ALA C 75 6.69 5.65 14.80
C ALA C 75 6.02 6.39 15.93
N ARG C 76 6.41 7.65 16.12
CA ARG C 76 5.76 8.51 17.10
C ARG C 76 5.54 9.88 16.47
N TYR C 77 4.33 10.43 16.63
CA TYR C 77 4.00 11.70 16.02
C TYR C 77 3.26 12.54 17.05
N PRO C 78 3.39 13.86 16.98
CA PRO C 78 2.79 14.72 18.00
C PRO C 78 1.28 14.85 17.90
N GLN C 79 0.78 15.21 16.74
CA GLN C 79 -0.62 15.61 16.68
C GLN C 79 -1.58 14.41 16.73
N PRO C 80 -2.70 14.52 17.48
CA PRO C 80 -3.72 13.46 17.53
C PRO C 80 -4.56 13.40 16.25
N MET C 81 -3.99 12.90 15.16
CA MET C 81 -4.64 12.86 13.86
C MET C 81 -4.43 11.47 13.26
N ALA C 82 -5.00 11.23 12.10
CA ALA C 82 -4.61 10.04 11.34
C ALA C 82 -3.09 10.03 11.18
N PRO C 83 -2.45 8.84 11.20
CA PRO C 83 -0.99 8.79 11.05
C PRO C 83 -0.39 9.58 9.88
N ALA C 84 -0.97 9.46 8.69
CA ALA C 84 -0.49 10.22 7.53
C ALA C 84 -0.55 11.72 7.78
N ALA C 85 -1.67 12.19 8.34
CA ALA C 85 -1.86 13.63 8.60
C ALA C 85 -0.93 14.11 9.70
N ALA C 86 -0.80 13.31 10.76
CA ALA C 86 0.11 13.63 11.85
C ALA C 86 1.54 13.73 11.31
N ALA C 87 1.95 12.75 10.52
CA ALA C 87 3.28 12.77 9.98
C ALA C 87 3.48 13.94 9.04
N GLU C 88 2.50 14.22 8.18
CA GLU C 88 2.56 15.38 7.30
C GLU C 88 2.80 16.64 8.13
N HIS C 89 1.98 16.81 9.18
CA HIS C 89 2.04 17.97 10.06
C HIS C 89 3.38 18.07 10.82
N ALA C 90 3.95 16.92 11.24
CA ALA C 90 5.22 16.85 11.96
C ALA C 90 6.44 16.90 11.06
N GLY C 91 6.24 17.02 9.75
CA GLY C 91 7.32 16.97 8.78
C GLY C 91 8.06 15.66 8.72
N MET C 92 7.40 14.56 9.07
CA MET C 92 8.01 13.24 9.00
C MET C 92 7.27 12.35 7.99
N ALA C 93 7.70 11.10 7.92
CA ALA C 93 7.16 10.12 6.99
C ALA C 93 6.52 8.99 7.77
N LEU C 94 5.53 8.33 7.18
CA LEU C 94 5.11 7.07 7.77
C LEU C 94 6.27 6.08 7.79
N PRO C 95 6.26 5.13 8.71
CA PRO C 95 7.31 4.11 8.72
C PRO C 95 7.14 3.20 7.53
N ALA C 96 8.17 2.42 7.24
CA ALA C 96 8.05 1.48 6.15
C ALA C 96 7.24 0.26 6.55
N ARG C 97 6.56 -0.30 5.56
CA ARG C 97 5.79 -1.50 5.78
C ARG C 97 6.65 -2.58 6.43
N ASP C 98 7.84 -2.81 5.88
CA ASP C 98 8.67 -3.91 6.37
C ASP C 98 9.35 -3.57 7.69
N GLN C 99 9.46 -2.28 8.02
CA GLN C 99 9.87 -1.87 9.36
C GLN C 99 8.82 -2.22 10.40
N ILE C 100 7.54 -2.17 9.99
CA ILE C 100 6.44 -2.50 10.88
C ILE C 100 6.39 -4.02 11.08
N VAL C 101 6.30 -4.75 9.96
CA VAL C 101 6.34 -6.21 9.98
C VAL C 101 7.61 -6.71 10.67
N ARG C 102 8.74 -6.04 10.46
CA ARG C 102 9.98 -6.45 11.14
C ARG C 102 9.83 -6.30 12.65
N LEU C 103 9.39 -5.13 13.10
CA LEU C 103 9.18 -4.90 14.53
C LEU C 103 8.29 -5.97 15.16
N ILE C 104 7.17 -6.29 14.49
CA ILE C 104 6.26 -7.35 14.98
C ILE C 104 6.94 -8.72 15.00
N ALA C 105 7.57 -9.10 13.88
CA ALA C 105 8.18 -10.44 13.77
C ALA C 105 9.26 -10.64 14.82
N ASP C 106 10.17 -9.68 14.93
CA ASP C 106 11.22 -9.73 15.93
C ASP C 106 10.59 -9.97 17.29
N LEU C 107 9.47 -9.29 17.56
CA LEU C 107 8.83 -9.41 18.86
C LEU C 107 8.24 -10.80 19.10
N ASP C 108 8.04 -11.60 18.05
CA ASP C 108 7.27 -12.83 18.15
C ASP C 108 8.22 -13.99 18.46
N ARG C 109 7.84 -14.82 19.43
N ARG C 109 7.83 -14.81 19.43
CA ARG C 109 8.58 -16.02 19.76
CA ARG C 109 8.59 -16.02 19.77
C ARG C 109 7.61 -17.08 20.24
C ARG C 109 7.62 -17.07 20.27
N PRO C 110 7.93 -18.37 20.12
CA PRO C 110 7.02 -19.43 20.53
C PRO C 110 6.63 -19.38 22.01
N GLY C 111 5.33 -19.39 22.25
CA GLY C 111 4.74 -19.39 23.57
C GLY C 111 4.26 -18.03 24.03
N ARG C 112 4.59 -16.98 23.30
CA ARG C 112 4.24 -15.61 23.65
C ARG C 112 3.02 -15.16 22.85
N LEU C 113 2.11 -14.50 23.54
CA LEU C 113 1.02 -13.80 22.88
C LEU C 113 1.52 -12.40 22.60
N THR C 114 1.57 -12.02 21.34
CA THR C 114 1.99 -10.66 20.99
C THR C 114 0.78 -9.93 20.46
N LEU C 115 0.28 -8.98 21.24
CA LEU C 115 -0.79 -8.12 20.79
C LEU C 115 -0.18 -6.89 20.12
N VAL C 116 -0.79 -6.50 19.02
CA VAL C 116 -0.36 -5.30 18.31
C VAL C 116 -1.55 -4.38 18.10
N GLU C 117 -1.43 -3.14 18.60
CA GLU C 117 -2.52 -2.18 18.53
C GLU C 117 -2.24 -1.25 17.37
N GLY C 118 -3.23 -1.11 16.49
CA GLY C 118 -3.16 -0.18 15.38
C GLY C 118 -3.41 1.25 15.82
N ALA C 119 -3.71 2.10 14.84
CA ALA C 119 -3.98 3.52 15.06
C ALA C 119 -5.36 3.81 14.49
N GLY C 120 -6.37 3.83 15.36
CA GLY C 120 -7.74 3.99 14.90
C GLY C 120 -8.32 2.68 14.42
N GLY C 121 -9.08 2.76 13.33
CA GLY C 121 -9.75 1.62 12.76
C GLY C 121 -8.86 0.75 11.88
N LEU C 122 -9.50 -0.25 11.27
CA LEU C 122 -8.78 -1.32 10.55
C LEU C 122 -8.08 -0.82 9.29
N LEU C 123 -8.67 0.13 8.56
CA LEU C 123 -8.19 0.52 7.23
C LEU C 123 -7.44 1.85 7.25
N VAL C 124 -6.99 2.30 8.43
CA VAL C 124 -6.15 3.51 8.53
C VAL C 124 -4.78 3.22 7.93
N GLU C 125 -4.34 4.07 6.98
CA GLU C 125 -2.99 3.98 6.41
C GLU C 125 -1.89 4.11 7.47
N LEU C 126 -1.09 3.06 7.60
CA LEU C 126 0.06 3.08 8.51
C LEU C 126 1.39 3.26 7.78
N ALA C 127 1.46 2.84 6.52
CA ALA C 127 2.65 3.00 5.70
C ALA C 127 2.23 3.27 4.27
N GLU C 128 3.08 4.02 3.57
N GLU C 128 3.06 4.03 3.56
CA GLU C 128 2.88 4.22 2.14
CA GLU C 128 2.84 4.25 2.14
C GLU C 128 3.01 2.88 1.41
C GLU C 128 3.03 2.92 1.39
N PRO C 129 2.22 2.65 0.36
CA PRO C 129 1.10 3.52 0.02
C PRO C 129 -0.22 2.84 0.45
N GLY C 130 -0.93 3.48 1.37
CA GLY C 130 -2.21 2.92 1.79
C GLY C 130 -2.10 1.52 2.36
N VAL C 131 -1.02 1.23 3.08
CA VAL C 131 -0.81 -0.05 3.73
C VAL C 131 -1.45 0.01 5.12
N THR C 132 -2.34 -0.94 5.43
CA THR C 132 -3.15 -0.86 6.64
C THR C 132 -2.76 -1.97 7.61
N LEU C 133 -3.38 -1.90 8.80
CA LEU C 133 -3.23 -2.96 9.79
C LEU C 133 -3.72 -4.30 9.25
N ARG C 134 -4.71 -4.29 8.37
CA ARG C 134 -5.16 -5.54 7.78
C ARG C 134 -4.05 -6.15 6.93
N ASP C 135 -3.41 -5.32 6.08
CA ASP C 135 -2.29 -5.81 5.28
C ASP C 135 -1.18 -6.39 6.15
N VAL C 136 -0.81 -5.67 7.21
CA VAL C 136 0.21 -6.15 8.14
C VAL C 136 -0.21 -7.48 8.75
N ALA C 137 -1.49 -7.59 9.12
CA ALA C 137 -1.98 -8.79 9.78
C ALA C 137 -1.84 -9.98 8.87
N VAL C 138 -2.11 -9.78 7.57
CA VAL C 138 -1.94 -10.87 6.63
C VAL C 138 -0.48 -11.25 6.55
N ASP C 139 0.42 -10.24 6.51
CA ASP C 139 1.85 -10.51 6.42
C ASP C 139 2.35 -11.38 7.56
N VAL C 140 1.69 -11.34 8.71
CA VAL C 140 2.20 -12.02 9.89
C VAL C 140 1.31 -13.18 10.29
N ALA C 141 0.23 -13.45 9.54
CA ALA C 141 -0.76 -14.47 9.90
C ALA C 141 -1.20 -14.29 11.35
N ALA C 142 -1.83 -13.16 11.60
CA ALA C 142 -2.40 -12.86 12.91
C ALA C 142 -3.90 -12.77 12.79
N ALA C 143 -4.59 -13.30 13.80
CA ALA C 143 -6.00 -13.04 13.88
C ALA C 143 -6.24 -11.62 14.37
N ALA C 144 -7.45 -11.13 14.13
CA ALA C 144 -7.86 -9.82 14.61
C ALA C 144 -8.90 -9.91 15.70
N LEU C 145 -8.63 -9.27 16.82
CA LEU C 145 -9.62 -9.00 17.85
C LEU C 145 -10.20 -7.61 17.65
N VAL C 146 -11.52 -7.52 17.55
CA VAL C 146 -12.17 -6.25 17.19
C VAL C 146 -12.81 -5.69 18.46
N VAL C 147 -12.43 -4.45 18.81
CA VAL C 147 -12.98 -3.74 19.96
C VAL C 147 -14.13 -2.84 19.49
N VAL C 148 -15.25 -2.90 20.21
CA VAL C 148 -16.48 -2.25 19.79
C VAL C 148 -17.11 -1.50 20.97
N THR C 149 -17.90 -0.49 20.65
CA THR C 149 -18.75 0.21 21.61
C THR C 149 -20.11 -0.48 21.73
N ALA C 150 -20.81 -0.14 22.81
CA ALA C 150 -22.20 -0.54 22.97
C ALA C 150 -23.15 0.52 22.46
N ASP C 151 -22.60 1.60 21.91
CA ASP C 151 -23.30 2.83 21.54
C ASP C 151 -23.98 2.69 20.17
N LEU C 152 -24.71 3.73 19.75
CA LEU C 152 -25.40 3.70 18.46
C LEU C 152 -24.41 3.71 17.29
N GLY C 153 -24.64 2.83 16.34
CA GLY C 153 -23.79 2.68 15.18
C GLY C 153 -22.84 1.53 15.28
N THR C 154 -22.72 0.92 16.45
CA THR C 154 -21.73 -0.13 16.62
C THR C 154 -22.04 -1.37 15.80
N LEU C 155 -23.32 -1.65 15.54
CA LEU C 155 -23.64 -2.81 14.74
C LEU C 155 -23.14 -2.63 13.31
N ASN C 156 -23.42 -1.46 12.72
CA ASN C 156 -22.94 -1.18 11.37
C ASN C 156 -21.42 -1.20 11.30
N HIS C 157 -20.77 -0.41 12.16
CA HIS C 157 -19.31 -0.37 12.15
C HIS C 157 -18.73 -1.75 12.39
N THR C 158 -19.35 -2.52 13.25
CA THR C 158 -18.80 -3.84 13.54
C THR C 158 -18.94 -4.72 12.32
N LYS C 159 -20.13 -4.75 11.72
CA LYS C 159 -20.32 -5.53 10.50
C LYS C 159 -19.34 -5.14 9.44
N LEU C 160 -19.16 -3.84 9.22
CA LEU C 160 -18.21 -3.36 8.22
C LEU C 160 -16.82 -3.93 8.48
N THR C 161 -16.37 -3.84 9.74
CA THR C 161 -15.02 -4.27 10.06
C THR C 161 -14.88 -5.77 9.85
N LEU C 162 -15.82 -6.54 10.42
CA LEU C 162 -15.77 -7.99 10.27
C LEU C 162 -15.79 -8.41 8.81
N GLU C 163 -16.56 -7.70 7.99
CA GLU C 163 -16.59 -7.96 6.56
C GLU C 163 -15.24 -7.69 5.91
N ALA C 164 -14.57 -6.63 6.33
CA ALA C 164 -13.25 -6.37 5.78
C ALA C 164 -12.23 -7.39 6.28
N LEU C 165 -12.44 -7.91 7.48
CA LEU C 165 -11.55 -8.95 7.97
C LEU C 165 -11.69 -10.19 7.12
N ALA C 166 -12.93 -10.61 6.89
CA ALA C 166 -13.16 -11.81 6.09
C ALA C 166 -12.70 -11.61 4.66
N ALA C 167 -12.81 -10.40 4.13
CA ALA C 167 -12.46 -10.23 2.73
C ALA C 167 -11.00 -10.61 2.44
N GLN C 168 -10.11 -10.58 3.42
CA GLN C 168 -8.72 -11.00 3.20
C GLN C 168 -8.31 -12.17 4.08
N GLN C 169 -9.24 -13.08 4.38
CA GLN C 169 -8.95 -14.32 5.08
C GLN C 169 -8.23 -14.08 6.40
N VAL C 170 -8.37 -12.88 6.96
CA VAL C 170 -7.91 -12.56 8.31
C VAL C 170 -8.96 -13.06 9.29
N SER C 171 -8.62 -14.10 10.03
CA SER C 171 -9.54 -14.63 11.00
C SER C 171 -9.87 -13.58 12.06
N CYS C 172 -11.12 -13.57 12.51
CA CYS C 172 -11.56 -12.64 13.55
C CYS C 172 -11.56 -13.39 14.87
N ALA C 173 -10.73 -12.94 15.81
CA ALA C 173 -10.62 -13.62 17.09
C ALA C 173 -11.70 -13.25 18.10
N GLY C 174 -12.68 -12.43 17.72
CA GLY C 174 -13.75 -12.09 18.63
C GLY C 174 -13.99 -10.60 18.70
N LEU C 175 -15.01 -10.25 19.47
CA LEU C 175 -15.25 -8.87 19.84
C LEU C 175 -15.00 -8.67 21.33
N VAL C 176 -14.57 -7.45 21.67
CA VAL C 176 -14.59 -6.97 23.04
C VAL C 176 -15.34 -5.65 23.06
N ILE C 177 -16.33 -5.56 23.93
CA ILE C 177 -16.99 -4.28 24.25
C ILE C 177 -16.05 -3.53 25.19
N GLY C 178 -15.46 -2.43 24.70
CA GLY C 178 -14.35 -1.84 25.42
C GLY C 178 -14.78 -1.04 26.64
N SER C 179 -15.99 -0.50 26.63
CA SER C 179 -16.51 0.26 27.78
C SER C 179 -17.97 -0.14 27.98
N TRP C 180 -18.25 -0.89 29.04
CA TRP C 180 -19.59 -1.37 29.29
C TRP C 180 -20.24 -0.57 30.42
N PRO C 181 -21.30 0.19 30.15
CA PRO C 181 -21.93 1.02 31.19
C PRO C 181 -22.72 0.25 32.26
N ASP C 182 -22.79 0.85 33.45
CA ASP C 182 -23.53 0.30 34.57
C ASP C 182 -24.31 1.36 35.34
N PRO C 183 -25.66 1.33 35.30
CA PRO C 183 -26.49 0.33 34.61
C PRO C 183 -26.49 0.48 33.09
N PRO C 184 -26.84 -0.56 32.35
CA PRO C 184 -26.98 -0.42 30.89
C PRO C 184 -28.37 0.04 30.47
N GLY C 185 -28.44 1.15 29.74
CA GLY C 185 -29.68 1.59 29.12
C GLY C 185 -30.16 0.64 28.03
N LEU C 186 -31.38 0.92 27.55
CA LEU C 186 -32.03 0.04 26.58
C LEU C 186 -31.11 -0.23 25.38
N VAL C 187 -30.54 0.83 24.83
CA VAL C 187 -29.71 0.68 23.63
C VAL C 187 -28.52 -0.23 23.93
N ALA C 188 -27.83 0.01 25.04
CA ALA C 188 -26.69 -0.82 25.40
C ALA C 188 -27.07 -2.28 25.47
N ALA C 189 -28.06 -2.61 26.32
CA ALA C 189 -28.60 -3.96 26.39
C ALA C 189 -28.82 -4.57 25.03
N SER C 190 -29.55 -3.83 24.16
CA SER C 190 -29.95 -4.38 22.88
C SER C 190 -28.76 -4.58 21.95
N ASN C 191 -27.80 -3.66 21.98
CA ASN C 191 -26.64 -3.83 21.11
C ASN C 191 -25.75 -4.98 21.58
N ARG C 192 -25.59 -5.16 22.90
CA ARG C 192 -24.80 -6.29 23.37
C ARG C 192 -25.41 -7.60 22.92
N SER C 193 -26.74 -7.74 23.09
CA SER C 193 -27.40 -8.90 22.54
C SER C 193 -27.16 -9.01 21.04
N ALA C 194 -27.26 -7.88 20.34
CA ALA C 194 -27.16 -7.88 18.88
C ALA C 194 -25.77 -8.31 18.42
N LEU C 195 -24.73 -7.81 19.08
CA LEU C 195 -23.34 -8.14 18.76
C LEU C 195 -23.01 -9.60 19.04
N ALA C 196 -23.57 -10.18 20.12
CA ALA C 196 -23.27 -11.58 20.37
C ALA C 196 -23.83 -12.51 19.31
N ARG C 197 -24.66 -11.99 18.41
CA ARG C 197 -25.17 -12.76 17.30
C ARG C 197 -24.40 -12.49 16.03
N ILE C 198 -23.41 -11.59 16.09
CA ILE C 198 -22.51 -11.38 14.97
C ILE C 198 -21.18 -12.09 15.17
N ALA C 199 -20.67 -12.11 16.39
CA ALA C 199 -19.41 -12.77 16.69
C ALA C 199 -19.38 -13.10 18.17
N MET C 200 -18.27 -13.69 18.62
CA MET C 200 -18.11 -13.96 20.04
C MET C 200 -17.68 -12.69 20.75
N VAL C 201 -18.32 -12.39 21.87
CA VAL C 201 -17.99 -11.26 22.70
C VAL C 201 -17.15 -11.86 23.81
N ARG C 202 -15.84 -11.63 23.75
CA ARG C 202 -14.97 -12.37 24.66
C ARG C 202 -14.95 -11.77 26.04
N ALA C 203 -15.30 -10.50 26.14
CA ALA C 203 -15.32 -9.74 27.39
C ALA C 203 -16.09 -8.48 27.09
N ALA C 204 -16.72 -7.93 28.14
CA ALA C 204 -17.24 -6.56 28.15
C ALA C 204 -16.62 -5.91 29.39
N LEU C 205 -15.63 -5.08 29.12
CA LEU C 205 -14.86 -4.44 30.15
C LEU C 205 -15.67 -3.36 30.85
N PRO C 206 -15.65 -3.30 32.17
CA PRO C 206 -16.37 -2.23 32.86
C PRO C 206 -15.78 -0.88 32.52
N ALA C 207 -16.67 0.06 32.24
CA ALA C 207 -16.25 1.41 31.91
C ALA C 207 -15.48 2.05 33.05
N GLY C 208 -14.56 2.95 32.70
CA GLY C 208 -13.73 3.50 33.75
C GLY C 208 -12.72 2.53 34.30
N ALA C 209 -12.36 1.51 33.54
CA ALA C 209 -11.41 0.54 34.05
C ALA C 209 -10.02 1.11 34.28
N ALA C 210 -9.65 2.19 33.58
CA ALA C 210 -8.31 2.75 33.70
C ALA C 210 -8.10 3.53 34.99
N SER C 211 -9.10 3.63 35.86
CA SER C 211 -8.90 4.20 37.18
C SER C 211 -9.02 3.12 38.26
N LEU C 212 -8.48 1.93 37.97
CA LEU C 212 -8.43 0.83 38.92
C LEU C 212 -7.04 0.68 39.51
N ASP C 213 -6.99 0.48 40.83
CA ASP C 213 -5.76 0.02 41.43
C ASP C 213 -5.31 -1.24 40.72
N ALA C 214 -3.99 -1.41 40.61
CA ALA C 214 -3.43 -2.55 39.88
C ALA C 214 -4.02 -3.89 40.29
N GLY C 215 -4.26 -4.07 41.59
CA GLY C 215 -4.92 -5.29 42.05
C GLY C 215 -6.35 -5.41 41.54
N ASP C 216 -7.12 -4.32 41.67
CA ASP C 216 -8.48 -4.31 41.15
C ASP C 216 -8.49 -4.51 39.62
N PHE C 217 -7.48 -3.97 38.92
CA PHE C 217 -7.40 -4.14 37.47
C PHE C 217 -7.16 -5.60 37.09
N ALA C 218 -6.19 -6.23 37.75
CA ALA C 218 -5.87 -7.63 37.47
C ALA C 218 -7.11 -8.49 37.69
N ALA C 219 -7.83 -8.23 38.78
CA ALA C 219 -9.03 -8.99 39.06
C ALA C 219 -10.08 -8.80 37.96
N MET C 220 -10.35 -7.54 37.60
CA MET C 220 -11.30 -7.27 36.51
C MET C 220 -10.91 -7.99 35.23
N SER C 221 -9.64 -7.88 34.84
CA SER C 221 -9.16 -8.53 33.63
C SER C 221 -9.38 -10.04 33.68
N ALA C 222 -9.14 -10.66 34.83
CA ALA C 222 -9.32 -12.09 34.94
C ALA C 222 -10.79 -12.50 34.91
N ALA C 223 -11.68 -11.64 35.43
CA ALA C 223 -13.11 -11.95 35.43
C ALA C 223 -13.77 -11.75 34.07
N ALA C 224 -13.27 -10.81 33.27
CA ALA C 224 -13.95 -10.47 32.03
C ALA C 224 -13.79 -11.55 30.96
N PHE C 225 -12.74 -12.36 31.04
CA PHE C 225 -12.40 -13.30 29.99
C PHE C 225 -12.54 -14.74 30.48
N ASP C 226 -13.08 -15.59 29.62
CA ASP C 226 -13.06 -17.03 29.82
C ASP C 226 -11.62 -17.51 29.81
N ARG C 227 -11.19 -18.17 30.90
CA ARG C 227 -9.79 -18.61 30.98
C ARG C 227 -9.47 -19.66 29.94
N ASN C 228 -10.41 -20.56 29.64
CA ASN C 228 -10.15 -21.58 28.63
C ASN C 228 -9.74 -20.94 27.32
N TRP C 229 -10.54 -19.99 26.83
CA TRP C 229 -10.19 -19.29 25.61
C TRP C 229 -8.84 -18.58 25.74
N VAL C 230 -8.51 -18.05 26.92
CA VAL C 230 -7.26 -17.30 27.07
C VAL C 230 -6.05 -18.21 27.02
N ALA C 231 -6.02 -19.25 27.85
CA ALA C 231 -4.86 -20.13 27.87
C ALA C 231 -4.79 -21.02 26.64
N GLY C 232 -5.91 -21.19 25.92
CA GLY C 232 -5.83 -21.87 24.65
C GLY C 232 -5.55 -20.96 23.47
N LEU C 233 -4.90 -19.83 23.73
CA LEU C 233 -4.46 -18.97 22.64
C LEU C 233 -3.10 -19.40 22.10
N VAL C 234 -2.17 -19.67 23.02
CA VAL C 234 -0.89 -20.34 22.74
C VAL C 234 -0.94 -21.88 22.81
N GLY C 235 -1.96 -22.45 23.46
CA GLY C 235 -2.02 -23.88 23.72
C GLY C 235 -3.08 -24.24 24.75
N HIS D 8 -35.76 2.60 -20.55
CA HIS D 8 -34.54 2.90 -19.82
C HIS D 8 -34.83 3.38 -18.39
N GLY D 9 -36.12 3.65 -18.13
CA GLY D 9 -36.65 4.12 -16.85
C GLY D 9 -35.94 5.29 -16.18
N GLY D 10 -36.21 5.53 -14.89
CA GLY D 10 -35.55 6.59 -14.17
C GLY D 10 -34.33 6.14 -13.39
N THR D 11 -33.84 7.03 -12.54
CA THR D 11 -32.62 6.75 -11.78
C THR D 11 -32.95 6.56 -10.30
N ILE D 12 -32.52 5.46 -9.71
CA ILE D 12 -32.69 5.27 -8.28
C ILE D 12 -31.31 5.41 -7.64
N LEU D 13 -31.22 6.24 -6.61
CA LEU D 13 -29.97 6.47 -5.87
C LEU D 13 -30.20 6.24 -4.39
N VAL D 14 -29.63 5.18 -3.86
CA VAL D 14 -29.62 5.10 -2.41
C VAL D 14 -28.59 6.07 -1.89
N VAL D 15 -28.98 6.78 -0.87
CA VAL D 15 -28.13 7.76 -0.27
C VAL D 15 -27.80 7.17 1.09
N THR D 16 -26.62 6.60 1.22
CA THR D 16 -26.18 5.94 2.44
C THR D 16 -25.15 6.81 3.15
N GLY D 17 -24.70 6.31 4.29
CA GLY D 17 -23.77 7.03 5.15
C GLY D 17 -22.83 6.13 5.93
N THR D 18 -21.74 6.75 6.42
CA THR D 18 -20.77 6.06 7.25
C THR D 18 -21.30 5.81 8.67
N GLY D 19 -22.46 6.34 8.99
CA GLY D 19 -23.07 6.12 10.28
C GLY D 19 -24.35 6.90 10.38
N THR D 20 -24.84 7.03 11.61
CA THR D 20 -26.05 7.78 11.93
C THR D 20 -25.71 9.24 12.20
N GLY D 21 -26.43 10.15 11.55
CA GLY D 21 -26.29 11.56 11.85
C GLY D 21 -25.32 12.32 10.98
N VAL D 22 -24.81 11.71 9.90
CA VAL D 22 -23.78 12.33 9.08
C VAL D 22 -24.37 13.35 8.12
N GLY D 23 -25.69 13.40 8.05
CA GLY D 23 -26.38 14.35 7.20
C GLY D 23 -27.03 13.70 6.01
N LYS D 24 -27.48 12.45 6.15
CA LYS D 24 -28.03 11.82 4.97
C LYS D 24 -29.30 12.53 4.57
N THR D 25 -30.13 12.88 5.56
CA THR D 25 -31.39 13.54 5.27
C THR D 25 -31.14 14.90 4.62
N VAL D 26 -30.19 15.66 5.17
CA VAL D 26 -29.89 16.98 4.61
C VAL D 26 -29.27 16.82 3.21
N VAL D 27 -28.52 15.75 2.97
CA VAL D 27 -27.99 15.55 1.62
C VAL D 27 -29.11 15.20 0.66
N CYS D 28 -30.09 14.40 1.10
CA CYS D 28 -31.23 14.13 0.24
C CYS D 28 -31.94 15.44 -0.14
N ALA D 29 -32.15 16.32 0.85
CA ALA D 29 -32.82 17.59 0.60
C ALA D 29 -32.01 18.45 -0.37
N ALA D 30 -30.73 18.65 -0.07
CA ALA D 30 -29.87 19.48 -0.89
C ALA D 30 -29.79 18.96 -2.33
N LEU D 31 -29.66 17.64 -2.50
CA LEU D 31 -29.61 17.09 -3.85
C LEU D 31 -30.97 17.23 -4.55
N ALA D 32 -32.07 16.91 -3.84
CA ALA D 32 -33.40 17.17 -4.39
C ALA D 32 -33.57 18.62 -4.83
N SER D 33 -33.25 19.58 -3.96
CA SER D 33 -33.37 20.99 -4.34
C SER D 33 -32.52 21.32 -5.57
N ALA D 34 -31.30 20.79 -5.61
CA ALA D 34 -30.40 21.10 -6.72
C ALA D 34 -30.93 20.51 -8.02
N ALA D 35 -31.43 19.27 -7.97
CA ALA D 35 -31.97 18.64 -9.17
C ALA D 35 -33.24 19.33 -9.60
N ARG D 36 -34.14 19.58 -8.65
CA ARG D 36 -35.38 20.27 -8.95
C ARG D 36 -35.10 21.59 -9.65
N GLN D 37 -34.11 22.34 -9.15
CA GLN D 37 -33.76 23.62 -9.77
C GLN D 37 -33.21 23.41 -11.17
N ALA D 38 -32.64 22.23 -11.42
CA ALA D 38 -32.18 21.90 -12.75
C ALA D 38 -33.30 21.33 -13.61
N GLY D 39 -34.53 21.33 -13.11
CA GLY D 39 -35.64 20.83 -13.87
C GLY D 39 -35.95 19.34 -13.72
N ILE D 40 -35.38 18.66 -12.74
CA ILE D 40 -35.56 17.21 -12.62
C ILE D 40 -36.67 16.94 -11.62
N ASP D 41 -37.57 16.02 -11.96
CA ASP D 41 -38.55 15.59 -10.96
C ASP D 41 -37.91 14.60 -9.98
N VAL D 42 -38.20 14.78 -8.71
CA VAL D 42 -37.49 14.11 -7.64
C VAL D 42 -38.50 13.56 -6.66
N ALA D 43 -38.33 12.30 -6.28
CA ALA D 43 -39.05 11.65 -5.21
C ALA D 43 -38.02 11.16 -4.20
N VAL D 44 -38.46 10.94 -2.97
CA VAL D 44 -37.56 10.51 -1.92
C VAL D 44 -38.28 9.44 -1.09
N CYS D 45 -37.66 8.26 -0.97
CA CYS D 45 -38.23 7.20 -0.14
C CYS D 45 -37.37 6.97 1.11
N LYS D 46 -38.00 7.08 2.29
CA LYS D 46 -37.46 6.57 3.54
C LYS D 46 -38.35 5.45 4.06
N PRO D 47 -38.09 4.18 3.73
CA PRO D 47 -39.08 3.14 4.08
C PRO D 47 -39.35 3.00 5.56
N VAL D 48 -38.32 3.09 6.42
CA VAL D 48 -38.52 3.00 7.87
C VAL D 48 -37.97 4.25 8.53
N GLN D 49 -38.80 4.87 9.38
CA GLN D 49 -38.51 6.08 10.16
C GLN D 49 -38.74 5.76 11.63
N THR D 50 -37.67 5.87 12.43
CA THR D 50 -37.77 5.70 13.89
C THR D 50 -37.64 7.06 14.57
N GLY D 51 -37.72 7.03 15.90
CA GLY D 51 -37.66 8.24 16.69
C GLY D 51 -38.87 9.14 16.59
N THR D 52 -40.04 8.61 16.22
CA THR D 52 -41.19 9.51 16.05
C THR D 52 -41.77 9.98 17.37
N ALA D 53 -41.47 9.31 18.49
CA ALA D 53 -42.00 9.83 19.75
C ALA D 53 -41.46 11.23 20.00
N ARG D 54 -40.18 11.45 19.69
CA ARG D 54 -39.54 12.76 19.80
C ARG D 54 -39.69 13.65 18.58
N GLY D 55 -40.41 13.22 17.54
CA GLY D 55 -40.68 14.10 16.42
C GLY D 55 -39.84 13.94 15.16
N ASP D 56 -39.01 12.91 15.08
CA ASP D 56 -38.16 12.74 13.90
C ASP D 56 -38.99 12.43 12.66
N ASP D 57 -38.72 13.14 11.57
CA ASP D 57 -39.48 12.89 10.34
C ASP D 57 -38.60 13.34 9.18
N ASP D 58 -37.75 12.42 8.71
CA ASP D 58 -36.78 12.76 7.66
C ASP D 58 -37.49 13.22 6.39
N LEU D 59 -38.60 12.54 6.02
CA LEU D 59 -39.34 12.92 4.82
C LEU D 59 -39.87 14.34 4.93
N ALA D 60 -40.47 14.67 6.08
CA ALA D 60 -40.96 16.03 6.30
C ALA D 60 -39.86 17.06 6.16
N GLU D 61 -38.69 16.77 6.72
CA GLU D 61 -37.56 17.69 6.59
C GLU D 61 -37.22 17.89 5.10
N VAL D 62 -37.23 16.80 4.31
CA VAL D 62 -36.97 16.89 2.86
C VAL D 62 -38.02 17.73 2.14
N GLY D 63 -39.29 17.46 2.42
CA GLY D 63 -40.34 18.30 1.87
C GLY D 63 -40.14 19.75 2.25
N ARG D 64 -39.66 19.98 3.48
CA ARG D 64 -39.52 21.33 3.99
C ARG D 64 -38.40 22.10 3.27
N LEU D 65 -37.24 21.46 3.08
CA LEU D 65 -36.14 22.22 2.48
C LEU D 65 -36.21 22.25 0.95
N ALA D 66 -36.67 21.14 0.34
CA ALA D 66 -36.63 21.02 -1.10
C ALA D 66 -38.01 20.98 -1.74
N GLY D 67 -39.08 20.82 -0.94
CA GLY D 67 -40.41 20.84 -1.50
C GLY D 67 -40.74 19.65 -2.37
N VAL D 68 -39.96 18.59 -2.28
CA VAL D 68 -40.39 17.32 -2.85
C VAL D 68 -41.76 16.98 -2.27
N THR D 69 -42.68 16.51 -3.11
CA THR D 69 -43.96 16.04 -2.61
C THR D 69 -44.13 14.53 -2.63
N GLN D 70 -43.42 13.82 -3.52
CA GLN D 70 -43.50 12.37 -3.60
C GLN D 70 -42.59 11.77 -2.53
N LEU D 71 -43.16 11.57 -1.34
CA LEU D 71 -42.40 11.23 -0.13
C LEU D 71 -42.99 9.93 0.41
N ALA D 72 -42.33 8.82 0.15
CA ALA D 72 -42.92 7.52 0.41
C ALA D 72 -42.20 6.91 1.59
N GLY D 73 -42.98 6.22 2.42
CA GLY D 73 -42.51 5.52 3.59
C GLY D 73 -43.54 4.48 4.00
N LEU D 74 -43.06 3.45 4.71
CA LEU D 74 -43.87 2.27 5.04
C LEU D 74 -44.13 2.05 6.52
N ALA D 75 -43.27 2.53 7.41
CA ALA D 75 -43.39 2.20 8.81
C ALA D 75 -42.84 3.34 9.65
N ARG D 76 -43.45 3.55 10.81
CA ARG D 76 -42.98 4.56 11.75
C ARG D 76 -42.86 3.93 13.13
N TYR D 77 -41.72 4.14 13.78
CA TYR D 77 -41.45 3.58 15.09
C TYR D 77 -41.15 4.67 16.09
N PRO D 78 -41.87 4.69 17.23
CA PRO D 78 -41.73 5.78 18.21
C PRO D 78 -40.33 5.88 18.79
N GLN D 79 -39.73 4.75 19.11
CA GLN D 79 -38.49 4.72 19.87
C GLN D 79 -37.33 5.20 19.00
N PRO D 80 -36.43 6.01 19.55
CA PRO D 80 -35.26 6.50 18.80
C PRO D 80 -34.18 5.42 18.73
N MET D 81 -34.44 4.37 17.96
CA MET D 81 -33.51 3.26 17.97
C MET D 81 -33.21 2.85 16.53
N ALA D 82 -32.33 1.88 16.39
CA ALA D 82 -32.17 1.20 15.12
C ALA D 82 -33.49 0.54 14.74
N PRO D 83 -33.90 0.58 13.47
CA PRO D 83 -35.13 -0.12 13.05
C PRO D 83 -35.45 -1.48 13.68
N ALA D 84 -34.47 -2.38 13.74
CA ALA D 84 -34.73 -3.69 14.33
C ALA D 84 -35.11 -3.59 15.81
N ALA D 85 -34.36 -2.82 16.58
CA ALA D 85 -34.60 -2.73 18.02
C ALA D 85 -35.88 -1.96 18.30
N ALA D 86 -36.16 -0.92 17.50
CA ALA D 86 -37.42 -0.22 17.64
C ALA D 86 -38.57 -1.19 17.41
N ALA D 87 -38.46 -2.02 16.38
CA ALA D 87 -39.50 -3.01 16.12
C ALA D 87 -39.64 -4.01 17.25
N GLU D 88 -38.52 -4.53 17.80
CA GLU D 88 -38.67 -5.53 18.86
C GLU D 88 -39.26 -4.91 20.11
N HIS D 89 -38.82 -3.69 20.45
CA HIS D 89 -39.43 -2.97 21.55
C HIS D 89 -40.92 -2.77 21.32
N ALA D 90 -41.32 -2.40 20.11
CA ALA D 90 -42.72 -2.13 19.83
C ALA D 90 -43.52 -3.41 19.70
N GLY D 91 -42.87 -4.55 19.59
CA GLY D 91 -43.58 -5.80 19.44
C GLY D 91 -44.15 -6.00 18.07
N MET D 92 -43.58 -5.32 17.06
CA MET D 92 -44.10 -5.43 15.72
C MET D 92 -42.90 -5.66 14.81
N ALA D 93 -43.07 -6.47 13.76
CA ALA D 93 -41.97 -6.70 12.84
C ALA D 93 -41.69 -5.48 11.98
N LEU D 94 -40.44 -5.39 11.47
CA LEU D 94 -40.11 -4.49 10.38
C LEU D 94 -40.89 -4.87 9.14
N PRO D 95 -40.95 -4.01 8.13
CA PRO D 95 -41.54 -4.42 6.87
C PRO D 95 -40.69 -5.50 6.21
N ALA D 96 -41.26 -6.13 5.21
CA ALA D 96 -40.56 -7.14 4.44
C ALA D 96 -39.73 -6.53 3.33
N ARG D 97 -38.63 -7.22 3.00
CA ARG D 97 -37.76 -6.82 1.91
C ARG D 97 -38.59 -6.49 0.68
N ASP D 98 -39.48 -7.41 0.31
CA ASP D 98 -40.51 -7.23 -0.70
C ASP D 98 -41.08 -5.82 -0.69
N GLN D 99 -41.66 -5.42 0.45
CA GLN D 99 -42.36 -4.14 0.47
C GLN D 99 -41.41 -3.02 0.12
N ILE D 100 -40.19 -3.06 0.66
CA ILE D 100 -39.25 -1.96 0.44
C ILE D 100 -38.87 -1.88 -1.03
N VAL D 101 -38.42 -2.99 -1.61
N VAL D 101 -38.40 -3.00 -1.60
CA VAL D 101 -37.92 -2.94 -2.97
CA VAL D 101 -37.92 -2.99 -2.97
C VAL D 101 -39.03 -2.62 -3.95
C VAL D 101 -39.05 -2.59 -3.93
N ARG D 102 -40.24 -3.14 -3.71
CA ARG D 102 -41.37 -2.84 -4.61
C ARG D 102 -41.83 -1.40 -4.50
N LEU D 103 -41.95 -0.86 -3.28
CA LEU D 103 -42.26 0.56 -3.09
C LEU D 103 -41.31 1.42 -3.89
N ILE D 104 -40.01 1.14 -3.73
CA ILE D 104 -39.00 1.91 -4.43
C ILE D 104 -39.17 1.75 -5.93
N ALA D 105 -39.39 0.51 -6.40
CA ALA D 105 -39.55 0.23 -7.84
C ALA D 105 -40.82 0.86 -8.43
N ASP D 106 -41.86 1.06 -7.61
CA ASP D 106 -43.09 1.68 -8.06
C ASP D 106 -43.01 3.20 -8.11
N LEU D 107 -42.11 3.81 -7.31
CA LEU D 107 -41.85 5.25 -7.42
C LEU D 107 -41.09 5.68 -8.69
N ASP D 108 -40.23 4.83 -9.23
CA ASP D 108 -39.30 5.24 -10.29
C ASP D 108 -40.07 5.42 -11.58
N ARG D 109 -39.71 6.44 -12.33
CA ARG D 109 -40.36 6.66 -13.62
C ARG D 109 -39.43 7.49 -14.48
N PRO D 110 -39.60 7.46 -15.80
CA PRO D 110 -38.68 8.20 -16.67
C PRO D 110 -38.65 9.68 -16.33
N GLY D 111 -37.43 10.22 -16.19
CA GLY D 111 -37.26 11.61 -15.81
C GLY D 111 -37.17 11.92 -14.34
N ARG D 112 -37.14 10.91 -13.49
CA ARG D 112 -37.19 11.11 -12.06
C ARG D 112 -35.94 10.55 -11.38
N LEU D 113 -35.35 11.38 -10.53
CA LEU D 113 -34.34 10.93 -9.57
C LEU D 113 -35.11 10.49 -8.31
N THR D 114 -34.94 9.24 -7.89
CA THR D 114 -35.56 8.71 -6.65
C THR D 114 -34.45 8.49 -5.65
N LEU D 115 -34.49 9.25 -4.56
CA LEU D 115 -33.54 9.09 -3.49
C LEU D 115 -34.13 8.16 -2.43
N VAL D 116 -33.32 7.22 -1.97
CA VAL D 116 -33.74 6.27 -0.95
C VAL D 116 -32.89 6.46 0.31
N GLU D 117 -33.54 6.81 1.43
CA GLU D 117 -32.80 6.98 2.67
C GLU D 117 -33.04 5.79 3.57
N GLY D 118 -31.95 5.19 4.01
CA GLY D 118 -31.95 4.13 4.98
C GLY D 118 -32.00 4.76 6.35
N ALA D 119 -31.73 3.94 7.32
CA ALA D 119 -31.57 4.37 8.71
C ALA D 119 -30.11 4.17 9.10
N GLY D 120 -29.34 5.26 9.18
CA GLY D 120 -27.96 5.13 9.59
C GLY D 120 -27.07 4.56 8.53
N GLY D 121 -26.12 3.70 8.94
CA GLY D 121 -25.11 3.21 8.02
C GLY D 121 -25.66 2.16 7.05
N LEU D 122 -24.76 1.70 6.19
CA LEU D 122 -25.12 0.85 5.06
C LEU D 122 -25.66 -0.51 5.50
N LEU D 123 -25.10 -1.08 6.55
CA LEU D 123 -25.41 -2.45 6.87
C LEU D 123 -26.40 -2.53 8.00
N VAL D 124 -27.02 -1.40 8.31
CA VAL D 124 -28.14 -1.38 9.24
C VAL D 124 -29.28 -2.21 8.67
N GLU D 125 -29.82 -3.11 9.49
CA GLU D 125 -30.95 -3.93 9.10
C GLU D 125 -32.18 -3.06 8.86
N LEU D 126 -32.81 -3.25 7.71
CA LEU D 126 -34.03 -2.54 7.34
C LEU D 126 -35.25 -3.44 7.19
N ALA D 127 -35.07 -4.74 6.94
CA ALA D 127 -36.18 -5.66 6.82
C ALA D 127 -35.88 -6.96 7.56
N GLU D 128 -36.94 -7.76 7.73
N GLU D 128 -36.93 -7.77 7.74
CA GLU D 128 -36.99 -8.87 8.69
CA GLU D 128 -36.97 -8.87 8.71
C GLU D 128 -35.78 -9.80 8.67
C GLU D 128 -35.74 -9.76 8.69
N PRO D 129 -35.36 -10.40 7.54
CA PRO D 129 -34.24 -11.35 7.62
C PRO D 129 -32.88 -10.70 7.34
N GLY D 130 -32.51 -9.73 8.18
CA GLY D 130 -31.20 -9.08 8.08
C GLY D 130 -30.93 -8.32 6.79
N VAL D 131 -31.97 -7.78 6.16
CA VAL D 131 -31.83 -7.11 4.86
C VAL D 131 -31.38 -5.66 5.03
N THR D 132 -30.46 -5.22 4.18
CA THR D 132 -29.86 -3.90 4.34
C THR D 132 -30.15 -3.04 3.12
N LEU D 133 -29.81 -1.75 3.22
CA LEU D 133 -29.90 -0.89 2.06
C LEU D 133 -28.99 -1.32 0.94
N ARG D 134 -27.95 -2.07 1.22
CA ARG D 134 -27.11 -2.57 0.15
C ARG D 134 -27.88 -3.60 -0.68
N ASP D 135 -28.54 -4.55 0.01
CA ASP D 135 -29.40 -5.53 -0.64
C ASP D 135 -30.50 -4.86 -1.47
N VAL D 136 -31.03 -3.75 -0.95
CA VAL D 136 -32.10 -3.08 -1.65
C VAL D 136 -31.54 -2.42 -2.88
N ALA D 137 -30.29 -1.96 -2.82
CA ALA D 137 -29.68 -1.28 -3.95
C ALA D 137 -29.37 -2.28 -5.06
N VAL D 138 -28.92 -3.48 -4.69
CA VAL D 138 -28.74 -4.51 -5.71
C VAL D 138 -30.07 -4.79 -6.38
N ASP D 139 -31.14 -4.89 -5.59
CA ASP D 139 -32.40 -5.37 -6.13
C ASP D 139 -33.04 -4.39 -7.12
N VAL D 140 -32.69 -3.11 -7.06
CA VAL D 140 -33.22 -2.12 -7.99
C VAL D 140 -32.17 -1.55 -8.91
N ALA D 141 -30.94 -2.05 -8.83
CA ALA D 141 -29.83 -1.56 -9.65
C ALA D 141 -29.62 -0.07 -9.42
N ALA D 142 -29.51 0.30 -8.16
CA ALA D 142 -29.19 1.66 -7.78
C ALA D 142 -27.71 1.82 -7.48
N ALA D 143 -27.19 3.00 -7.80
CA ALA D 143 -25.92 3.37 -7.22
C ALA D 143 -26.13 3.85 -5.80
N ALA D 144 -25.02 4.11 -5.11
CA ALA D 144 -25.04 4.62 -3.74
C ALA D 144 -24.23 5.91 -3.69
N LEU D 145 -24.85 6.97 -3.20
CA LEU D 145 -24.17 8.19 -2.77
C LEU D 145 -23.83 8.05 -1.30
N VAL D 146 -22.55 8.20 -0.93
CA VAL D 146 -22.07 7.97 0.43
C VAL D 146 -21.78 9.30 1.13
N VAL D 147 -22.48 9.54 2.25
CA VAL D 147 -22.36 10.78 3.02
C VAL D 147 -21.38 10.52 4.16
N VAL D 148 -20.38 11.40 4.29
CA VAL D 148 -19.27 11.20 5.20
C VAL D 148 -19.18 12.44 6.08
N THR D 149 -18.45 12.31 7.18
CA THR D 149 -18.07 13.43 8.03
C THR D 149 -16.65 13.90 7.71
N ALA D 150 -16.36 15.10 8.18
CA ALA D 150 -15.01 15.63 8.08
C ALA D 150 -14.19 15.28 9.31
N ASP D 151 -14.67 14.38 10.14
CA ASP D 151 -14.03 14.17 11.42
C ASP D 151 -13.03 13.01 11.42
N LEU D 152 -12.10 13.08 12.35
CA LEU D 152 -11.15 12.01 12.60
C LEU D 152 -11.84 10.64 12.60
N GLY D 153 -11.36 9.73 11.76
CA GLY D 153 -12.02 8.45 11.63
C GLY D 153 -12.79 8.33 10.35
N THR D 154 -13.04 9.45 9.66
CA THR D 154 -13.87 9.40 8.47
C THR D 154 -13.21 8.57 7.39
N LEU D 155 -11.89 8.55 7.33
CA LEU D 155 -11.25 7.81 6.25
C LEU D 155 -11.48 6.31 6.38
N ASN D 156 -11.22 5.76 7.56
CA ASN D 156 -11.46 4.34 7.80
C ASN D 156 -12.90 3.98 7.49
N HIS D 157 -13.84 4.78 7.98
CA HIS D 157 -15.26 4.48 7.75
C HIS D 157 -15.61 4.58 6.28
N THR D 158 -15.02 5.53 5.57
CA THR D 158 -15.32 5.66 4.15
C THR D 158 -14.74 4.48 3.40
N LYS D 159 -13.48 4.11 3.67
CA LYS D 159 -12.86 2.97 2.99
C LYS D 159 -13.66 1.69 3.22
N LEU D 160 -14.05 1.45 4.48
CA LEU D 160 -14.89 0.32 4.82
C LEU D 160 -16.22 0.35 4.06
N THR D 161 -16.83 1.54 3.91
CA THR D 161 -18.15 1.59 3.29
C THR D 161 -18.06 1.38 1.77
N LEU D 162 -17.00 1.91 1.16
CA LEU D 162 -16.83 1.67 -0.28
C LEU D 162 -16.41 0.24 -0.55
N GLU D 163 -15.67 -0.37 0.36
CA GLU D 163 -15.31 -1.75 0.19
C GLU D 163 -16.56 -2.62 0.22
N ALA D 164 -17.42 -2.37 1.22
CA ALA D 164 -18.73 -3.04 1.33
C ALA D 164 -19.60 -2.84 0.09
N LEU D 165 -19.65 -1.62 -0.45
CA LEU D 165 -20.39 -1.39 -1.69
C LEU D 165 -19.86 -2.26 -2.81
N ALA D 166 -18.53 -2.30 -2.96
CA ALA D 166 -17.93 -2.99 -4.10
C ALA D 166 -18.10 -4.49 -3.97
N ALA D 167 -18.21 -5.00 -2.74
CA ALA D 167 -18.34 -6.45 -2.59
C ALA D 167 -19.61 -6.99 -3.24
N GLN D 168 -20.65 -6.16 -3.39
CA GLN D 168 -21.90 -6.55 -4.03
C GLN D 168 -22.12 -5.82 -5.33
N GLN D 169 -21.04 -5.33 -5.92
CA GLN D 169 -21.06 -4.68 -7.21
C GLN D 169 -22.08 -3.55 -7.24
N VAL D 170 -22.29 -2.88 -6.11
CA VAL D 170 -23.07 -1.64 -6.09
C VAL D 170 -22.16 -0.48 -6.45
N SER D 171 -22.49 0.21 -7.55
CA SER D 171 -21.63 1.27 -8.00
C SER D 171 -21.70 2.41 -6.99
N CYS D 172 -20.54 2.97 -6.66
CA CYS D 172 -20.46 4.12 -5.76
C CYS D 172 -20.61 5.39 -6.60
N ALA D 173 -21.71 6.12 -6.39
CA ALA D 173 -21.95 7.38 -7.10
C ALA D 173 -21.08 8.53 -6.59
N GLY D 174 -20.36 8.34 -5.49
CA GLY D 174 -19.49 9.34 -4.95
C GLY D 174 -19.68 9.52 -3.46
N LEU D 175 -19.00 10.51 -2.93
CA LEU D 175 -19.09 10.88 -1.55
C LEU D 175 -19.69 12.26 -1.45
N VAL D 176 -20.34 12.52 -0.31
CA VAL D 176 -20.74 13.88 0.05
C VAL D 176 -20.36 14.07 1.50
N ILE D 177 -19.71 15.19 1.79
CA ILE D 177 -19.46 15.53 3.18
C ILE D 177 -20.72 16.24 3.66
N GLY D 178 -21.45 15.57 4.56
CA GLY D 178 -22.75 16.07 4.98
C GLY D 178 -22.68 17.46 5.58
N SER D 179 -21.77 17.65 6.53
CA SER D 179 -21.60 18.93 7.22
C SER D 179 -20.14 19.33 7.20
N TRP D 180 -19.88 20.50 6.60
CA TRP D 180 -18.56 21.09 6.46
C TRP D 180 -18.48 22.37 7.28
N PRO D 181 -17.49 22.48 8.17
CA PRO D 181 -17.48 23.56 9.15
C PRO D 181 -16.88 24.86 8.59
N ASP D 182 -17.19 25.97 9.24
CA ASP D 182 -16.61 27.27 8.89
C ASP D 182 -16.17 28.00 10.16
N PRO D 183 -14.85 28.06 10.43
CA PRO D 183 -13.79 27.56 9.55
C PRO D 183 -13.48 26.10 9.84
N PRO D 184 -12.94 25.39 8.85
CA PRO D 184 -12.54 23.99 9.06
C PRO D 184 -11.22 23.89 9.80
N GLY D 185 -11.19 23.05 10.83
CA GLY D 185 -9.93 22.85 11.51
C GLY D 185 -8.88 22.12 10.66
N LEU D 186 -7.86 21.67 11.38
CA LEU D 186 -6.76 20.98 10.73
C LEU D 186 -7.19 19.59 10.32
N VAL D 187 -7.91 18.89 11.21
CA VAL D 187 -8.41 17.56 10.88
C VAL D 187 -9.35 17.66 9.68
N ALA D 188 -10.36 18.52 9.77
CA ALA D 188 -11.40 18.55 8.75
C ALA D 188 -10.80 18.91 7.39
N ALA D 189 -9.94 19.93 7.33
CA ALA D 189 -9.33 20.30 6.04
C ALA D 189 -8.49 19.15 5.48
N SER D 190 -7.77 18.45 6.37
CA SER D 190 -6.98 17.31 5.90
C SER D 190 -7.89 16.25 5.33
N ASN D 191 -8.94 15.95 6.07
CA ASN D 191 -9.85 14.91 5.64
C ASN D 191 -10.48 15.26 4.29
N ARG D 192 -10.83 16.52 4.06
CA ARG D 192 -11.36 16.88 2.75
C ARG D 192 -10.36 16.51 1.65
N SER D 193 -9.07 16.72 1.91
CA SER D 193 -8.05 16.30 0.94
C SER D 193 -8.08 14.79 0.74
N ALA D 194 -7.85 14.03 1.82
CA ALA D 194 -7.79 12.58 1.72
C ALA D 194 -9.06 11.98 1.10
N LEU D 195 -10.21 12.61 1.37
CA LEU D 195 -11.45 12.08 0.88
C LEU D 195 -11.51 12.22 -0.62
N ALA D 196 -11.09 13.38 -1.15
CA ALA D 196 -11.07 13.51 -2.61
C ALA D 196 -10.12 12.46 -3.21
N ARG D 197 -9.08 12.04 -2.45
CA ARG D 197 -8.18 11.01 -2.97
C ARG D 197 -8.84 9.64 -2.97
N ILE D 198 -9.91 9.45 -2.19
CA ILE D 198 -10.62 8.17 -2.16
C ILE D 198 -11.66 8.09 -3.29
N ALA D 199 -12.44 9.15 -3.48
CA ALA D 199 -13.47 9.14 -4.50
C ALA D 199 -13.81 10.59 -4.80
N MET D 200 -14.65 10.78 -5.82
CA MET D 200 -15.11 12.12 -6.14
C MET D 200 -15.86 12.65 -4.94
N VAL D 201 -15.55 13.88 -4.53
CA VAL D 201 -16.38 14.59 -3.57
C VAL D 201 -17.42 15.33 -4.39
N ARG D 202 -18.69 15.03 -4.15
CA ARG D 202 -19.67 15.64 -5.03
C ARG D 202 -20.12 16.99 -4.49
N ALA D 203 -20.01 17.17 -3.17
CA ALA D 203 -20.46 18.36 -2.49
C ALA D 203 -20.01 18.26 -1.04
N ALA D 204 -19.84 19.40 -0.41
CA ALA D 204 -19.55 19.47 1.02
C ALA D 204 -20.46 20.59 1.49
N LEU D 205 -21.43 20.27 2.22
CA LEU D 205 -22.56 21.12 2.53
C LEU D 205 -22.27 21.87 3.81
N PRO D 206 -22.50 23.16 3.84
CA PRO D 206 -22.15 23.93 5.03
C PRO D 206 -22.94 23.43 6.23
N ALA D 207 -22.28 23.42 7.38
CA ALA D 207 -22.95 23.06 8.62
C ALA D 207 -24.14 23.98 8.83
N GLY D 208 -25.17 23.44 9.48
CA GLY D 208 -26.36 24.24 9.70
C GLY D 208 -27.16 24.56 8.46
N ALA D 209 -27.02 23.76 7.41
CA ALA D 209 -27.74 24.01 6.17
C ALA D 209 -29.26 23.91 6.35
N ALA D 210 -29.73 23.11 7.33
CA ALA D 210 -31.17 22.91 7.47
C ALA D 210 -31.90 24.12 8.07
N SER D 211 -31.23 24.94 8.88
CA SER D 211 -31.87 26.13 9.42
C SER D 211 -31.83 27.32 8.45
N LEU D 212 -31.91 27.08 7.14
CA LEU D 212 -32.03 28.10 6.12
C LEU D 212 -33.45 28.14 5.55
N ASP D 213 -33.85 29.33 5.11
CA ASP D 213 -35.13 29.45 4.40
C ASP D 213 -34.97 28.88 3.01
N ALA D 214 -36.02 28.22 2.51
CA ALA D 214 -35.98 27.50 1.24
C ALA D 214 -35.37 28.28 0.09
N GLY D 215 -35.38 29.62 0.14
CA GLY D 215 -34.64 30.39 -0.86
C GLY D 215 -33.15 30.32 -0.65
N ASP D 216 -32.71 30.47 0.60
CA ASP D 216 -31.28 30.44 0.84
C ASP D 216 -30.76 29.01 0.74
N PHE D 217 -31.57 28.05 1.19
CA PHE D 217 -31.21 26.65 1.05
C PHE D 217 -31.12 26.24 -0.41
N ALA D 218 -32.03 26.74 -1.24
CA ALA D 218 -31.97 26.41 -2.65
C ALA D 218 -30.70 26.98 -3.26
N ALA D 219 -30.37 28.21 -2.90
CA ALA D 219 -29.13 28.81 -3.35
C ALA D 219 -27.93 27.93 -2.99
N MET D 220 -27.87 27.53 -1.72
CA MET D 220 -26.80 26.63 -1.31
C MET D 220 -26.78 25.37 -2.14
N SER D 221 -27.95 24.80 -2.43
CA SER D 221 -28.00 23.52 -3.13
C SER D 221 -27.47 23.65 -4.55
N ALA D 222 -27.94 24.65 -5.29
CA ALA D 222 -27.41 24.79 -6.64
C ALA D 222 -25.92 25.08 -6.60
N ALA D 223 -25.45 25.78 -5.56
CA ALA D 223 -24.01 26.04 -5.47
C ALA D 223 -23.23 24.81 -5.03
N ALA D 224 -23.83 23.88 -4.28
CA ALA D 224 -23.05 22.83 -3.62
C ALA D 224 -22.59 21.76 -4.60
N PHE D 225 -23.45 21.37 -5.54
CA PHE D 225 -23.15 20.33 -6.53
C PHE D 225 -22.75 20.94 -7.87
N ASP D 226 -22.14 20.11 -8.70
CA ASP D 226 -21.83 20.44 -10.10
C ASP D 226 -23.06 20.22 -10.95
N ARG D 227 -23.53 21.30 -11.58
CA ARG D 227 -24.79 21.21 -12.31
C ARG D 227 -24.70 20.16 -13.39
N ASN D 228 -23.54 20.05 -14.04
CA ASN D 228 -23.36 19.02 -15.05
C ASN D 228 -23.51 17.62 -14.48
N TRP D 229 -22.97 17.37 -13.28
CA TRP D 229 -23.19 16.07 -12.64
C TRP D 229 -24.68 15.83 -12.32
N VAL D 230 -25.32 16.82 -11.71
CA VAL D 230 -26.75 16.74 -11.40
C VAL D 230 -27.55 16.40 -12.65
N ALA D 231 -27.36 17.18 -13.72
CA ALA D 231 -28.11 16.97 -14.95
C ALA D 231 -27.75 15.64 -15.56
N GLY D 232 -26.55 15.13 -15.26
CA GLY D 232 -26.16 13.85 -15.77
C GLY D 232 -26.89 12.71 -15.07
N LEU D 233 -27.37 12.94 -13.85
CA LEU D 233 -28.09 11.87 -13.14
C LEU D 233 -29.36 11.42 -13.88
N VAL D 234 -29.95 12.31 -14.72
CA VAL D 234 -31.12 12.05 -15.62
C VAL D 234 -32.23 11.31 -14.91
N1 CTP E . 12.72 -19.86 -17.16
C2 CTP E . 12.37 -21.22 -16.64
N3 CTP E . 11.55 -21.37 -15.41
C4 CTP E . 11.08 -20.20 -14.69
C5 CTP E . 11.45 -18.85 -15.20
C6 CTP E . 12.27 -18.70 -16.43
O2 CTP E . 12.73 -22.20 -17.20
N4 CTP E . 10.28 -20.34 -13.47
C1' CTP E . 13.49 -19.71 -18.23
C2' CTP E . 12.82 -19.31 -19.54
O2' CTP E . 12.67 -20.55 -20.35
C3' CTP E . 13.65 -18.40 -20.11
C4' CTP E . 14.52 -17.71 -18.93
O4' CTP E . 14.48 -18.52 -17.89
O3' CTP E . 14.65 -18.98 -20.95
C5' CTP E . 13.96 -16.36 -18.58
O5' CTP E . 12.59 -16.52 -18.32
PA CTP E . 11.61 -15.43 -19.11
O1A CTP E . 10.16 -15.51 -18.67
O2A CTP E . 11.73 -15.56 -20.62
O3A CTP E . 12.31 -13.99 -18.73
PB CTP E . 11.64 -12.58 -19.25
O1B CTP E . 10.35 -12.82 -20.00
O2B CTP E . 11.37 -11.74 -18.02
O3B CTP E . 12.74 -11.75 -20.13
PG CTP E . 12.31 -10.70 -21.32
O1G CTP E . 10.83 -10.43 -21.33
O2G CTP E . 12.71 -11.39 -22.60
O3G CTP E . 13.06 -9.41 -21.11
MG MG F . 9.65 -12.14 -21.72
N1 CTP G . 36.21 -4.57 -11.97
C2 CTP G . 37.43 -4.34 -12.79
N3 CTP G . 37.62 -3.15 -13.68
C4 CTP G . 36.57 -2.21 -13.77
C5 CTP G . 35.33 -2.42 -12.97
C6 CTP G . 35.15 -3.61 -12.08
O2 CTP G . 38.31 -5.12 -12.74
N4 CTP G . 36.74 -1.07 -14.64
C1' CTP G . 36.14 -5.72 -11.22
C2' CTP G . 36.45 -5.68 -9.71
O2' CTP G . 37.74 -6.35 -9.52
C3' CTP G . 35.51 -6.42 -9.11
C4' CTP G . 34.24 -6.54 -10.12
O4' CTP G . 34.67 -6.27 -11.32
O3' CTP G . 35.91 -7.77 -8.78
C5' CTP G . 33.14 -5.59 -9.70
O5' CTP G . 33.76 -4.40 -9.29
PA CTP G . 33.54 -3.89 -7.72
O1A CTP G . 33.98 -2.43 -7.65
O2A CTP G . 34.20 -4.87 -6.73
O3A CTP G . 31.96 -4.06 -7.32
PB CTP G . 31.02 -2.93 -6.57
O1B CTP G . 30.22 -2.13 -7.57
O2B CTP G . 31.71 -2.08 -5.54
O3B CTP G . 29.90 -3.93 -5.92
PG CTP G . 30.00 -4.41 -4.37
O1G CTP G . 28.56 -4.43 -3.90
O2G CTP G . 30.69 -5.76 -4.43
O3G CTP G . 30.74 -3.46 -3.42
MG MG H . 32.36 -2.70 -3.59
N1 CTP I . -11.42 3.92 28.95
C2 CTP I . -11.59 3.42 30.36
N3 CTP I . -12.13 2.05 30.61
C4 CTP I . -12.45 1.20 29.49
C5 CTP I . -12.27 1.70 28.10
C6 CTP I . -11.75 3.06 27.84
O2 CTP I . -11.31 4.13 31.26
N4 CTP I . -12.97 -0.16 29.68
C1' CTP I . -10.97 5.15 28.74
C2' CTP I . -9.46 5.14 28.72
O2' CTP I . -9.07 5.43 30.11
C3' CTP I . -9.12 6.13 27.88
C4' CTP I . -10.35 6.28 26.83
O4' CTP I . -11.39 5.66 27.32
O3' CTP I . -9.01 7.41 28.53
C5' CTP I . -9.96 5.66 25.53
O5' CTP I . -9.57 4.33 25.75
PA CTP I . -8.27 3.91 24.83
O1A CTP I . -8.15 2.41 24.77
O2A CTP I . -7.01 4.48 25.47
O3A CTP I . -8.44 4.62 23.33
PB CTP I . -8.04 3.78 21.94
O1B CTP I . -9.07 2.70 21.81
O2B CTP I . -6.66 3.23 22.06
O3B CTP I . -8.09 4.76 20.65
PG CTP I . -6.75 5.63 20.24
O1G CTP I . -6.59 5.32 18.75
O2G CTP I . -7.05 7.09 20.58
O3G CTP I . -5.46 5.23 20.94
MG MG J . -4.81 3.43 21.27
N1 CTP K . -27.50 19.12 9.77
C2 CTP K . -27.52 20.51 9.21
N3 CTP K . -26.70 20.88 8.01
C4 CTP K . -25.87 19.86 7.41
C5 CTP K . -25.85 18.48 7.98
C6 CTP K . -26.66 18.11 9.16
O2 CTP K . -28.19 21.32 9.72
N4 CTP K . -25.04 20.12 6.22
C1' CTP K . -28.22 18.76 10.86
C2' CTP K . -29.58 18.15 10.58
O2' CTP K . -30.61 19.19 10.36
C3' CTP K . -29.80 17.35 11.64
C4' CTP K . -28.33 16.75 12.04
O4' CTP K . -27.46 17.56 11.53
O3' CTP K . -30.35 17.98 12.81
C5' CTP K . -28.13 15.39 11.44
O5' CTP K . -28.20 15.57 10.05
PA CTP K . -29.17 14.49 9.26
O1A CTP K . -29.45 14.94 7.82
O2A CTP K . -30.42 14.26 10.08
O3A CTP K . -28.23 13.12 9.21
PB CTP K . -28.84 11.62 9.02
O1B CTP K . -29.96 11.58 8.01
O2B CTP K . -27.68 10.75 8.62
O3B CTP K . -29.36 11.18 10.52
PG CTP K . -29.92 9.63 10.71
O1G CTP K . -31.05 9.33 9.73
O2G CTP K . -30.48 9.51 12.12
O3G CTP K . -28.77 8.67 10.46
MG MG L . -31.75 11.01 8.39
#